data_9ETL
#
_entry.id   9ETL
#
_cell.length_a   42.300
_cell.length_b   46.541
_cell.length_c   91.976
_cell.angle_alpha   95.657
_cell.angle_beta   100.112
_cell.angle_gamma   90.077
#
_symmetry.space_group_name_H-M   'P 1'
#
loop_
_entity.id
_entity.type
_entity.pdbx_description
1 polymer 'Chains: D,C'
2 polymer "2',3'-cyclic-nucleotide 3'-phosphodiesterase"
3 water water
#
loop_
_entity_poly.entity_id
_entity_poly.type
_entity_poly.pdbx_seq_one_letter_code
_entity_poly.pdbx_strand_id
1 'polypeptide(L)'
;EVQLEESGGGLVQPGGSLRLSCAASGFTFSSYVMSWVRQAPGKGLEWVSDINSGGSRTYYTDSVKGRFTISRDNAKNTLY
LQMNSLKPEDTAVYYCARDSLLSTRYLHTSERGQGTQVTVSS
;
D,C
2 'polypeptide(L)'
;GLEKDFLPLYFGWFLTKKSSETLRKAGQVFLEELGNHKAFKKELRHFISGDEPKEKLELVSYFGKRPPGVLHCTTKFCDY
GKAAGAEEYAQQEVVKRSYGKAFKLSISALFVTPKTAGAQVVLTDQELQLWPSDLDKASASEGLPPGSRAHVTLGCAADV
QPVQTGLDLLDILQQVKGGSQGEAVGELPRGKLYSLGKGRWMLSLTKKMEVKAIFTGYYG
;
A,B
#
# COMPACT_ATOMS: atom_id res chain seq x y z
N VAL A 2 -23.20 -24.94 -12.74
CA VAL A 2 -22.92 -25.49 -11.41
C VAL A 2 -24.09 -26.35 -10.98
N GLN A 3 -23.81 -27.64 -10.76
CA GLN A 3 -24.83 -28.64 -10.45
C GLN A 3 -24.56 -29.30 -9.11
N LEU A 4 -25.61 -29.41 -8.30
CA LEU A 4 -25.57 -30.11 -7.01
C LEU A 4 -26.84 -30.94 -6.93
N GLU A 5 -26.69 -32.26 -6.78
CA GLU A 5 -27.82 -33.18 -6.68
C GLU A 5 -27.78 -33.82 -5.30
N GLU A 6 -28.72 -33.44 -4.43
CA GLU A 6 -28.81 -34.12 -3.14
C GLU A 6 -29.51 -35.47 -3.31
N SER A 7 -29.29 -36.33 -2.32
CA SER A 7 -30.04 -37.56 -2.16
C SER A 7 -29.81 -38.05 -0.73
N GLY A 8 -30.58 -39.07 -0.34
CA GLY A 8 -30.46 -39.68 0.97
C GLY A 8 -31.53 -39.30 1.98
N GLY A 9 -32.44 -38.40 1.65
CA GLY A 9 -33.47 -37.98 2.58
C GLY A 9 -34.47 -39.08 2.85
N GLY A 10 -35.40 -38.78 3.74
CA GLY A 10 -36.42 -39.77 4.07
C GLY A 10 -37.09 -39.49 5.40
N LEU A 11 -37.90 -40.46 5.81
CA LEU A 11 -38.65 -40.43 7.05
C LEU A 11 -37.96 -41.36 8.04
N VAL A 12 -37.84 -40.92 9.30
CA VAL A 12 -37.14 -41.70 10.32
C VAL A 12 -37.79 -41.42 11.67
N GLN A 13 -37.59 -42.36 12.63
CA GLN A 13 -38.12 -42.11 13.97
C GLN A 13 -37.06 -41.40 14.82
N PRO A 14 -37.45 -40.63 15.83
CA PRO A 14 -36.45 -39.94 16.64
C PRO A 14 -35.42 -40.92 17.18
N GLY A 15 -34.15 -40.50 17.18
CA GLY A 15 -33.04 -41.35 17.54
C GLY A 15 -32.42 -42.11 16.37
N GLY A 16 -33.09 -42.13 15.22
CA GLY A 16 -32.59 -42.80 14.04
C GLY A 16 -31.51 -42.03 13.31
N SER A 17 -31.18 -42.53 12.12
CA SER A 17 -30.04 -42.05 11.36
C SER A 17 -30.39 -41.97 9.88
N LEU A 18 -29.78 -40.98 9.21
CA LEU A 18 -29.80 -40.86 7.76
C LEU A 18 -28.42 -40.39 7.32
N ARG A 19 -28.11 -40.63 6.05
CA ARG A 19 -26.89 -40.12 5.44
C ARG A 19 -27.27 -39.43 4.14
N LEU A 20 -27.06 -38.10 4.07
CA LEU A 20 -27.35 -37.38 2.85
C LEU A 20 -26.11 -37.34 1.96
N SER A 21 -26.33 -37.32 0.65
CA SER A 21 -25.28 -37.21 -0.34
C SER A 21 -25.57 -36.06 -1.29
N CYS A 22 -24.51 -35.51 -1.87
CA CYS A 22 -24.64 -34.41 -2.83
C CYS A 22 -23.52 -34.57 -3.83
N ALA A 23 -23.87 -34.91 -5.07
CA ALA A 23 -22.88 -35.06 -6.14
C ALA A 23 -22.75 -33.74 -6.88
N ALA A 24 -21.51 -33.28 -7.00
CA ALA A 24 -21.21 -31.98 -7.58
C ALA A 24 -20.60 -32.13 -8.96
N SER A 25 -20.91 -31.17 -9.82
CA SER A 25 -20.34 -31.08 -11.16
C SER A 25 -20.38 -29.62 -11.60
N GLY A 26 -19.59 -29.31 -12.63
CA GLY A 26 -19.57 -27.97 -13.18
C GLY A 26 -18.63 -26.98 -12.52
N PHE A 27 -17.77 -27.44 -11.61
CA PHE A 27 -16.75 -26.59 -11.03
C PHE A 27 -15.67 -27.49 -10.44
N THR A 28 -14.59 -26.89 -9.99
CA THR A 28 -13.46 -27.65 -9.45
C THR A 28 -13.78 -27.91 -7.98
N PHE A 29 -14.43 -29.05 -7.74
CA PHE A 29 -14.97 -29.36 -6.42
C PHE A 29 -13.90 -29.32 -5.35
N SER A 30 -12.69 -29.77 -5.69
CA SER A 30 -11.62 -29.84 -4.69
C SER A 30 -11.08 -28.48 -4.32
N SER A 31 -11.53 -27.41 -4.98
CA SER A 31 -11.11 -26.06 -4.64
C SER A 31 -12.02 -25.38 -3.63
N TYR A 32 -13.17 -25.94 -3.31
CA TYR A 32 -14.21 -25.19 -2.63
C TYR A 32 -14.52 -25.74 -1.24
N VAL A 33 -14.70 -24.83 -0.28
CA VAL A 33 -15.46 -25.15 0.91
C VAL A 33 -16.86 -25.53 0.46
N MET A 34 -17.48 -26.48 1.17
CA MET A 34 -18.84 -26.90 0.85
C MET A 34 -19.66 -26.92 2.12
N SER A 35 -20.95 -26.59 1.99
CA SER A 35 -21.85 -26.42 3.11
C SER A 35 -23.12 -27.24 2.96
N TRP A 36 -23.74 -27.52 4.11
CA TRP A 36 -25.13 -27.95 4.23
C TRP A 36 -25.91 -26.88 4.99
N VAL A 37 -27.09 -26.55 4.50
CA VAL A 37 -28.03 -25.67 5.18
C VAL A 37 -29.36 -26.39 5.16
N ARG A 38 -30.32 -25.86 5.92
CA ARG A 38 -31.64 -26.48 6.00
C ARG A 38 -32.69 -25.41 6.28
N GLN A 39 -33.92 -25.74 5.93
CA GLN A 39 -35.04 -24.82 6.13
C GLN A 39 -36.22 -25.60 6.68
N ALA A 40 -36.53 -25.37 7.94
CA ALA A 40 -37.66 -26.05 8.55
C ALA A 40 -38.95 -25.35 8.17
N PRO A 41 -40.10 -26.03 8.34
CA PRO A 41 -41.38 -25.45 7.91
C PRO A 41 -41.63 -24.08 8.54
N GLY A 42 -41.94 -23.10 7.68
CA GLY A 42 -42.22 -21.76 8.11
C GLY A 42 -41.02 -20.98 8.59
N LYS A 43 -39.80 -21.48 8.39
CA LYS A 43 -38.59 -20.83 8.86
C LYS A 43 -37.68 -20.48 7.67
N GLY A 44 -36.60 -19.75 7.97
CA GLY A 44 -35.65 -19.38 6.94
C GLY A 44 -34.51 -20.38 6.83
N LEU A 45 -33.78 -20.28 5.73
CA LEU A 45 -32.60 -21.11 5.53
C LEU A 45 -31.60 -20.86 6.64
N GLU A 46 -31.15 -21.92 7.31
CA GLU A 46 -30.25 -21.78 8.43
C GLU A 46 -29.05 -22.69 8.24
N TRP A 47 -27.97 -22.38 8.95
CA TRP A 47 -26.73 -23.10 8.81
C TRP A 47 -26.86 -24.47 9.46
N VAL A 48 -26.10 -25.44 8.94
CA VAL A 48 -25.91 -26.75 9.58
C VAL A 48 -24.41 -26.99 9.76
N SER A 49 -23.68 -27.08 8.66
CA SER A 49 -22.30 -27.52 8.72
C SER A 49 -21.54 -27.09 7.47
N ASP A 50 -20.22 -26.93 7.58
CA ASP A 50 -19.38 -26.84 6.38
C ASP A 50 -18.01 -27.52 6.59
N ILE A 51 -17.29 -27.66 5.48
CA ILE A 51 -16.07 -28.45 5.46
C ILE A 51 -15.13 -27.84 4.43
N ASN A 52 -13.85 -27.67 4.80
CA ASN A 52 -12.90 -27.09 3.86
C ASN A 52 -12.54 -28.08 2.75
N SER A 53 -11.78 -27.57 1.77
CA SER A 53 -11.56 -28.32 0.54
C SER A 53 -10.90 -29.67 0.81
N GLY A 54 -9.84 -29.67 1.60
CA GLY A 54 -9.15 -30.91 1.87
C GLY A 54 -9.82 -31.78 2.91
N GLY A 55 -10.83 -31.25 3.58
CA GLY A 55 -11.57 -31.99 4.59
C GLY A 55 -10.97 -31.94 5.98
N SER A 56 -9.93 -31.14 6.20
CA SER A 56 -9.24 -31.11 7.47
C SER A 56 -9.93 -30.24 8.50
N ARG A 57 -10.85 -29.37 8.10
CA ARG A 57 -11.52 -28.48 9.03
C ARG A 57 -13.01 -28.59 8.79
N THR A 58 -13.77 -28.73 9.87
CA THR A 58 -15.21 -28.84 9.81
C THR A 58 -15.83 -27.87 10.81
N TYR A 59 -17.04 -27.43 10.50
CA TYR A 59 -17.79 -26.57 11.40
C TYR A 59 -19.20 -27.11 11.52
N TYR A 60 -19.76 -27.04 12.74
CA TYR A 60 -21.12 -27.44 13.04
C TYR A 60 -21.77 -26.38 13.91
N THR A 61 -23.05 -26.11 13.66
CA THR A 61 -23.79 -25.28 14.59
C THR A 61 -23.93 -26.02 15.91
N ASP A 62 -24.08 -25.25 16.98
CA ASP A 62 -24.15 -25.89 18.30
C ASP A 62 -25.31 -26.88 18.37
N SER A 63 -26.36 -26.69 17.56
CA SER A 63 -27.54 -27.53 17.64
C SER A 63 -27.38 -28.92 17.02
N VAL A 64 -26.36 -29.13 16.17
CA VAL A 64 -26.09 -30.46 15.62
C VAL A 64 -24.76 -31.02 16.08
N LYS A 65 -23.96 -30.22 16.78
CA LYS A 65 -22.63 -30.65 17.22
C LYS A 65 -22.76 -31.96 17.98
N GLY A 66 -21.87 -32.91 17.69
CA GLY A 66 -21.86 -34.17 18.41
C GLY A 66 -22.85 -35.18 17.89
N ARG A 67 -23.71 -34.80 16.93
CA ARG A 67 -24.70 -35.68 16.34
C ARG A 67 -24.57 -35.85 14.83
N PHE A 68 -24.16 -34.81 14.11
CA PHE A 68 -23.96 -34.85 12.68
C PHE A 68 -22.46 -34.85 12.39
N THR A 69 -22.09 -35.46 11.27
CA THR A 69 -20.71 -35.47 10.79
C THR A 69 -20.71 -35.16 9.31
N ILE A 70 -20.01 -34.10 8.93
CA ILE A 70 -19.81 -33.74 7.52
C ILE A 70 -18.50 -34.36 7.04
N SER A 71 -18.48 -34.75 5.77
CA SER A 71 -17.30 -35.36 5.16
C SER A 71 -17.40 -35.20 3.64
N ARG A 72 -16.31 -35.50 2.96
CA ARG A 72 -16.26 -35.32 1.52
C ARG A 72 -15.30 -36.35 0.92
N ASP A 73 -15.56 -36.69 -0.35
CA ASP A 73 -14.69 -37.55 -1.15
C ASP A 73 -14.40 -36.76 -2.43
N ASN A 74 -13.24 -36.08 -2.46
CA ASN A 74 -12.97 -35.20 -3.60
C ASN A 74 -12.83 -35.99 -4.90
N ALA A 75 -12.37 -37.24 -4.82
CA ALA A 75 -12.20 -38.03 -6.03
C ALA A 75 -13.53 -38.33 -6.69
N LYS A 76 -14.59 -38.51 -5.89
CA LYS A 76 -15.95 -38.71 -6.37
C LYS A 76 -16.76 -37.41 -6.41
N ASN A 77 -16.14 -36.26 -6.19
CA ASN A 77 -16.85 -34.97 -6.19
C ASN A 77 -18.16 -35.03 -5.39
N THR A 78 -18.09 -35.60 -4.19
CA THR A 78 -19.27 -35.85 -3.39
C THR A 78 -19.09 -35.34 -1.97
N LEU A 79 -20.17 -34.78 -1.43
CA LEU A 79 -20.28 -34.27 -0.08
C LEU A 79 -21.27 -35.12 0.70
N TYR A 80 -20.99 -35.35 1.98
CA TYR A 80 -21.85 -36.18 2.81
C TYR A 80 -22.23 -35.50 4.12
N LEU A 81 -23.39 -35.89 4.65
CA LEU A 81 -23.82 -35.49 5.99
C LEU A 81 -24.45 -36.71 6.67
N GLN A 82 -23.71 -37.28 7.62
CA GLN A 82 -24.23 -38.36 8.46
C GLN A 82 -24.99 -37.74 9.62
N MET A 83 -26.26 -38.09 9.73
CA MET A 83 -27.16 -37.52 10.73
C MET A 83 -27.55 -38.64 11.68
N ASN A 84 -27.03 -38.61 12.90
CA ASN A 84 -27.38 -39.58 13.92
C ASN A 84 -28.15 -38.90 15.06
N SER A 85 -28.80 -39.74 15.87
CA SER A 85 -29.54 -39.28 17.05
C SER A 85 -30.53 -38.17 16.70
N LEU A 86 -31.25 -38.36 15.60
CA LEU A 86 -32.10 -37.31 15.04
C LEU A 86 -33.28 -37.01 15.97
N LYS A 87 -33.72 -35.75 15.94
CA LYS A 87 -34.81 -35.28 16.78
C LYS A 87 -35.87 -34.62 15.89
N PRO A 88 -37.10 -34.48 16.38
CA PRO A 88 -38.13 -33.76 15.60
C PRO A 88 -37.68 -32.39 15.15
N GLU A 89 -36.92 -31.68 15.99
CA GLU A 89 -36.35 -30.38 15.64
C GLU A 89 -35.50 -30.42 14.37
N ASP A 90 -35.07 -31.61 13.94
CA ASP A 90 -34.23 -31.76 12.75
C ASP A 90 -35.03 -31.87 11.47
N THR A 91 -36.36 -31.90 11.56
CA THR A 91 -37.19 -31.99 10.37
C THR A 91 -37.05 -30.71 9.54
N ALA A 92 -36.70 -30.87 8.28
CA ALA A 92 -36.49 -29.73 7.39
C ALA A 92 -36.10 -30.25 6.02
N VAL A 93 -36.08 -29.34 5.06
CA VAL A 93 -35.47 -29.60 3.76
C VAL A 93 -33.99 -29.23 3.87
N TYR A 94 -33.10 -30.14 3.47
CA TYR A 94 -31.66 -29.96 3.56
C TYR A 94 -31.08 -29.69 2.18
N TYR A 95 -30.21 -28.68 2.08
CA TYR A 95 -29.63 -28.25 0.81
C TYR A 95 -28.12 -28.30 0.92
N CYS A 96 -27.46 -28.86 -0.07
CA CYS A 96 -26.01 -28.65 -0.16
C CYS A 96 -25.79 -27.36 -0.93
N ALA A 97 -24.66 -26.70 -0.64
CA ALA A 97 -24.37 -25.41 -1.26
C ALA A 97 -22.86 -25.33 -1.48
N ARG A 98 -22.49 -24.62 -2.54
CA ARG A 98 -21.09 -24.33 -2.78
C ARG A 98 -20.63 -23.19 -1.88
N ASP A 99 -19.35 -23.26 -1.48
CA ASP A 99 -18.69 -22.26 -0.65
C ASP A 99 -19.12 -22.34 0.82
N SER A 100 -18.53 -21.47 1.64
CA SER A 100 -18.69 -21.56 3.08
C SER A 100 -20.03 -20.98 3.50
N LEU A 101 -20.42 -21.30 4.74
CA LEU A 101 -21.61 -20.68 5.33
C LEU A 101 -21.41 -19.17 5.47
N LEU A 102 -20.24 -18.75 5.95
CA LEU A 102 -19.99 -17.32 6.09
C LEU A 102 -20.13 -16.59 4.76
N SER A 103 -19.83 -17.25 3.64
CA SER A 103 -19.88 -16.57 2.35
C SER A 103 -21.31 -16.27 1.91
N THR A 104 -22.31 -16.82 2.59
CA THR A 104 -23.72 -16.79 2.23
C THR A 104 -23.99 -17.11 0.75
N ARG A 105 -23.11 -17.86 0.07
CA ARG A 105 -23.46 -18.30 -1.28
C ARG A 105 -24.78 -19.06 -1.30
N TYR A 106 -25.06 -19.84 -0.25
CA TYR A 106 -26.26 -20.69 -0.19
C TYR A 106 -27.57 -19.89 -0.25
N LEU A 107 -27.53 -18.57 -0.05
CA LEU A 107 -28.73 -17.74 -0.18
C LEU A 107 -29.12 -17.50 -1.64
N HIS A 108 -28.27 -17.89 -2.59
CA HIS A 108 -28.49 -17.65 -4.01
C HIS A 108 -28.85 -18.98 -4.68
N THR A 109 -29.92 -18.96 -5.50
CA THR A 109 -30.45 -20.22 -5.99
C THR A 109 -29.40 -20.97 -6.82
N SER A 110 -28.59 -20.23 -7.57
CA SER A 110 -27.61 -20.87 -8.45
C SER A 110 -26.52 -21.60 -7.68
N GLU A 111 -26.41 -21.37 -6.37
CA GLU A 111 -25.31 -21.91 -5.59
C GLU A 111 -25.69 -23.13 -4.77
N ARG A 112 -26.94 -23.55 -4.81
CA ARG A 112 -27.36 -24.68 -4.00
C ARG A 112 -28.13 -25.68 -4.83
N GLY A 113 -28.24 -26.89 -4.25
CA GLY A 113 -28.97 -27.97 -4.86
C GLY A 113 -30.45 -27.80 -4.64
N GLN A 114 -31.20 -28.76 -5.20
CA GLN A 114 -32.66 -28.73 -5.18
C GLN A 114 -33.24 -29.05 -3.81
N GLY A 115 -32.49 -29.71 -2.96
CA GLY A 115 -32.96 -29.98 -1.61
C GLY A 115 -33.54 -31.37 -1.46
N THR A 116 -33.47 -31.89 -0.24
CA THR A 116 -33.95 -33.23 0.08
C THR A 116 -34.67 -33.18 1.43
N GLN A 117 -35.84 -33.82 1.50
CA GLN A 117 -36.67 -33.77 2.69
C GLN A 117 -36.18 -34.76 3.74
N VAL A 118 -36.03 -34.28 4.97
CA VAL A 118 -35.81 -35.12 6.15
C VAL A 118 -36.97 -34.92 7.11
N THR A 119 -37.58 -36.02 7.57
CA THR A 119 -38.70 -35.93 8.49
C THR A 119 -38.47 -36.90 9.64
N VAL A 120 -38.56 -36.39 10.87
CA VAL A 120 -38.31 -37.18 12.08
C VAL A 120 -39.56 -37.16 12.96
N SER A 121 -40.28 -38.27 13.00
CA SER A 121 -41.43 -38.40 13.88
C SER A 121 -41.70 -39.88 14.16
N SER A 122 -42.79 -40.14 14.87
CA SER A 122 -43.17 -41.52 15.18
C SER A 122 -44.02 -42.10 14.05
N LYS B 4 14.02 -3.26 23.99
CA LYS B 4 13.10 -4.10 23.22
C LYS B 4 12.53 -3.31 22.05
N ASP B 5 12.13 -4.02 20.99
CA ASP B 5 11.48 -3.43 19.84
C ASP B 5 9.98 -3.48 20.05
N PHE B 6 9.30 -2.41 19.72
CA PHE B 6 7.86 -2.53 19.87
C PHE B 6 7.22 -3.10 18.60
N LEU B 7 6.00 -3.59 18.79
CA LEU B 7 5.18 -4.18 17.75
C LEU B 7 4.36 -3.10 17.07
N PRO B 8 3.65 -3.44 16.00
CA PRO B 8 2.77 -2.47 15.35
C PRO B 8 1.60 -2.15 16.26
N LEU B 9 0.88 -1.09 15.88
CA LEU B 9 -0.41 -0.83 16.52
C LEU B 9 -1.38 -1.96 16.19
N TYR B 10 -1.38 -2.39 14.93
CA TYR B 10 -2.08 -3.59 14.54
C TYR B 10 -1.46 -4.20 13.28
N PHE B 11 -1.68 -5.52 13.13
CA PHE B 11 -1.42 -6.23 11.88
C PHE B 11 -2.72 -6.36 11.10
N GLY B 12 -2.59 -6.46 9.79
CA GLY B 12 -3.74 -6.73 8.95
C GLY B 12 -3.38 -6.65 7.48
N TRP B 13 -4.40 -6.81 6.65
CA TRP B 13 -4.28 -6.75 5.20
C TRP B 13 -4.67 -5.35 4.75
N PHE B 14 -3.75 -4.67 4.06
CA PHE B 14 -3.98 -3.31 3.58
C PHE B 14 -4.18 -3.36 2.06
N LEU B 15 -5.34 -2.91 1.61
CA LEU B 15 -5.71 -3.04 0.21
C LEU B 15 -4.81 -2.17 -0.65
N THR B 16 -4.57 -2.61 -1.88
CA THR B 16 -3.93 -1.75 -2.85
C THR B 16 -4.85 -0.57 -3.15
N LYS B 17 -4.29 0.50 -3.71
CA LYS B 17 -5.12 1.64 -4.04
C LYS B 17 -6.25 1.24 -4.99
N LYS B 18 -5.93 0.45 -6.01
CA LYS B 18 -6.96 0.09 -6.97
C LYS B 18 -8.07 -0.71 -6.31
N SER B 19 -7.71 -1.70 -5.48
CA SER B 19 -8.74 -2.49 -4.79
C SER B 19 -9.50 -1.65 -3.78
N SER B 20 -8.80 -0.80 -3.05
CA SER B 20 -9.46 0.02 -2.05
C SER B 20 -10.45 0.93 -2.74
N GLU B 21 -10.08 1.48 -3.90
CA GLU B 21 -11.00 2.35 -4.62
C GLU B 21 -12.23 1.59 -5.08
N THR B 22 -12.04 0.39 -5.62
CA THR B 22 -13.18 -0.39 -6.11
C THR B 22 -14.16 -0.69 -4.97
N LEU B 23 -13.64 -1.13 -3.82
CA LEU B 23 -14.52 -1.49 -2.72
C LEU B 23 -15.18 -0.26 -2.10
N ARG B 24 -14.43 0.82 -1.96
CA ARG B 24 -15.01 2.04 -1.41
C ARG B 24 -16.15 2.53 -2.26
N LYS B 25 -15.98 2.52 -3.59
CA LYS B 25 -17.06 2.95 -4.49
C LYS B 25 -18.26 2.03 -4.39
N ALA B 26 -18.02 0.71 -4.25
CA ALA B 26 -19.15 -0.22 -4.13
C ALA B 26 -19.92 0.04 -2.84
N GLY B 27 -19.20 0.38 -1.77
CA GLY B 27 -19.86 0.70 -0.51
C GLY B 27 -20.70 1.96 -0.60
N GLN B 28 -20.17 2.98 -1.27
CA GLN B 28 -20.93 4.24 -1.41
C GLN B 28 -22.17 4.05 -2.27
N VAL B 29 -22.05 3.29 -3.35
CA VAL B 29 -23.22 2.97 -4.17
C VAL B 29 -24.27 2.23 -3.35
N PHE B 30 -23.84 1.22 -2.57
CA PHE B 30 -24.77 0.54 -1.68
C PHE B 30 -25.47 1.53 -0.76
N LEU B 31 -24.72 2.42 -0.12
CA LEU B 31 -25.36 3.37 0.81
C LEU B 31 -26.39 4.22 0.09
N GLU B 32 -26.08 4.69 -1.11
CA GLU B 32 -27.03 5.49 -1.86
C GLU B 32 -28.26 4.68 -2.23
N GLU B 33 -28.05 3.43 -2.69
CA GLU B 33 -29.16 2.57 -3.08
C GLU B 33 -30.03 2.23 -1.88
N LEU B 34 -29.41 1.81 -0.79
CA LEU B 34 -30.19 1.41 0.37
C LEU B 34 -31.06 2.56 0.87
N GLY B 35 -30.49 3.75 1.01
CA GLY B 35 -31.23 4.87 1.55
C GLY B 35 -32.41 5.29 0.70
N ASN B 36 -32.45 4.89 -0.57
CA ASN B 36 -33.57 5.21 -1.44
C ASN B 36 -34.59 4.10 -1.49
N HIS B 37 -34.32 2.97 -0.85
CA HIS B 37 -35.21 1.83 -0.98
C HIS B 37 -36.39 2.00 -0.05
N LYS B 38 -37.60 1.77 -0.57
CA LYS B 38 -38.81 1.90 0.24
C LYS B 38 -38.70 1.13 1.55
N ALA B 39 -38.15 -0.09 1.48
CA ALA B 39 -38.12 -0.94 2.67
C ALA B 39 -37.27 -0.30 3.76
N PHE B 40 -36.17 0.34 3.38
CA PHE B 40 -35.34 1.04 4.36
C PHE B 40 -36.07 2.28 4.86
N LYS B 41 -36.63 3.06 3.95
CA LYS B 41 -37.29 4.29 4.38
C LYS B 41 -38.43 4.01 5.34
N LYS B 42 -39.16 2.90 5.13
CA LYS B 42 -40.26 2.55 6.01
C LYS B 42 -39.81 2.31 7.45
N GLU B 43 -38.58 1.81 7.63
CA GLU B 43 -38.06 1.41 8.94
C GLU B 43 -37.12 2.47 9.53
N LEU B 44 -37.13 3.69 8.98
CA LEU B 44 -36.21 4.72 9.46
C LEU B 44 -36.32 4.95 10.96
N ARG B 45 -37.45 4.56 11.56
CA ARG B 45 -37.67 4.73 12.99
C ARG B 45 -36.76 3.82 13.82
N HIS B 46 -36.54 2.59 13.34
CA HIS B 46 -35.66 1.57 13.95
C HIS B 46 -34.19 1.87 13.73
N PHE B 47 -33.90 2.95 13.01
CA PHE B 47 -32.55 3.29 12.60
C PHE B 47 -32.04 4.51 13.35
N ILE B 48 -32.74 5.64 13.23
CA ILE B 48 -32.50 6.83 14.06
C ILE B 48 -33.71 7.06 14.96
N GLU B 55 -39.16 13.46 5.40
CA GLU B 55 -37.83 13.76 4.89
C GLU B 55 -36.93 12.51 4.95
N LYS B 56 -35.89 12.47 4.11
CA LYS B 56 -35.07 11.26 3.97
C LYS B 56 -33.64 11.41 4.50
N LEU B 57 -33.08 10.30 4.94
CA LEU B 57 -31.73 10.26 5.46
C LEU B 57 -30.78 9.91 4.33
N GLU B 58 -29.71 10.69 4.19
CA GLU B 58 -28.64 10.36 3.25
C GLU B 58 -27.58 9.57 4.03
N LEU B 59 -27.49 8.27 3.74
CA LEU B 59 -26.61 7.43 4.52
C LEU B 59 -25.15 7.76 4.30
N VAL B 60 -24.78 8.28 3.13
CA VAL B 60 -23.40 8.71 2.96
C VAL B 60 -23.05 9.76 4.00
N SER B 61 -23.95 10.72 4.25
N SER B 61 -23.95 10.69 4.28
CA SER B 61 -23.73 11.72 5.29
CA SER B 61 -23.65 11.70 5.29
C SER B 61 -23.74 11.08 6.68
C SER B 61 -23.81 11.16 6.71
N TYR B 62 -24.69 10.17 6.92
CA TYR B 62 -24.81 9.57 8.23
C TYR B 62 -23.52 8.85 8.62
N PHE B 63 -22.92 8.15 7.66
CA PHE B 63 -21.65 7.47 7.91
C PHE B 63 -20.51 8.43 7.61
N GLY B 64 -20.46 9.51 8.40
CA GLY B 64 -19.58 10.62 8.13
C GLY B 64 -18.16 10.45 8.57
N LYS B 65 -17.81 9.35 9.24
CA LYS B 65 -16.42 9.03 9.54
C LYS B 65 -16.04 7.85 8.66
N ARG B 66 -15.09 8.06 7.76
CA ARG B 66 -14.68 7.09 6.77
C ARG B 66 -13.18 6.86 6.88
N PRO B 67 -12.71 5.67 6.56
CA PRO B 67 -11.27 5.39 6.66
C PRO B 67 -10.48 6.34 5.79
N PRO B 68 -9.44 6.97 6.31
CA PRO B 68 -8.52 7.71 5.45
C PRO B 68 -7.53 6.76 4.79
N GLY B 69 -6.94 7.23 3.70
CA GLY B 69 -6.00 6.41 2.96
C GLY B 69 -6.68 5.22 2.28
N VAL B 70 -6.10 4.06 2.44
CA VAL B 70 -6.62 2.82 1.84
C VAL B 70 -7.37 2.05 2.91
N LEU B 71 -8.25 1.16 2.44
CA LEU B 71 -9.03 0.31 3.34
C LEU B 71 -8.18 -0.86 3.86
N HIS B 72 -8.64 -1.43 4.96
CA HIS B 72 -7.87 -2.56 5.50
C HIS B 72 -8.78 -3.53 6.22
N CYS B 73 -8.23 -4.73 6.46
CA CYS B 73 -8.88 -5.78 7.24
C CYS B 73 -7.88 -6.15 8.33
N THR B 74 -8.22 -5.81 9.56
CA THR B 74 -7.32 -6.05 10.70
C THR B 74 -7.34 -7.53 11.09
N THR B 75 -6.17 -8.05 11.49
CA THR B 75 -6.11 -9.38 12.09
C THR B 75 -6.01 -9.27 13.59
N LYS B 76 -4.88 -8.75 14.09
CA LYS B 76 -4.64 -8.69 15.52
C LYS B 76 -4.32 -7.25 15.90
N PHE B 77 -5.12 -6.70 16.80
CA PHE B 77 -4.80 -5.42 17.41
C PHE B 77 -3.74 -5.64 18.50
N CYS B 78 -2.61 -4.96 18.39
CA CYS B 78 -1.47 -5.19 19.28
C CYS B 78 -1.15 -4.03 20.21
N ASP B 79 -1.50 -2.79 19.85
CA ASP B 79 -1.20 -1.62 20.69
C ASP B 79 0.27 -1.62 21.09
N TYR B 80 1.12 -1.90 20.11
CA TYR B 80 2.58 -1.86 20.22
C TYR B 80 3.13 -2.92 21.15
N GLY B 81 2.32 -3.91 21.53
CA GLY B 81 2.72 -4.95 22.46
C GLY B 81 1.94 -4.92 23.75
N LYS B 82 1.09 -3.91 23.96
CA LYS B 82 0.35 -3.81 25.21
C LYS B 82 -0.89 -4.69 25.24
N ALA B 83 -1.41 -5.10 24.09
CA ALA B 83 -2.64 -5.87 24.06
C ALA B 83 -2.35 -7.32 24.42
N ALA B 84 -3.29 -7.94 25.11
CA ALA B 84 -3.11 -9.33 25.46
C ALA B 84 -2.96 -10.15 24.18
N GLY B 85 -1.99 -11.05 24.17
CA GLY B 85 -1.80 -11.96 23.07
C GLY B 85 -0.98 -11.40 21.91
N ALA B 86 -0.55 -10.14 22.01
CA ALA B 86 0.10 -9.48 20.89
C ALA B 86 1.45 -10.09 20.60
N GLU B 87 2.24 -10.31 21.66
CA GLU B 87 3.56 -10.91 21.47
C GLU B 87 3.46 -12.35 20.97
N GLU B 88 2.52 -13.13 21.52
CA GLU B 88 2.32 -14.49 21.01
C GLU B 88 1.91 -14.48 19.54
N TYR B 89 1.05 -13.52 19.15
CA TYR B 89 0.65 -13.46 17.75
C TYR B 89 1.84 -13.12 16.88
N ALA B 90 2.62 -12.08 17.28
CA ALA B 90 3.66 -11.54 16.42
C ALA B 90 4.81 -12.51 16.23
N GLN B 91 5.02 -13.38 17.21
CA GLN B 91 6.13 -14.30 17.18
C GLN B 91 5.84 -15.53 16.33
N GLN B 92 4.60 -15.72 15.89
CA GLN B 92 4.29 -16.92 15.11
C GLN B 92 5.08 -16.93 13.83
N GLU B 93 5.54 -18.13 13.45
CA GLU B 93 6.25 -18.27 12.18
C GLU B 93 5.39 -17.78 11.01
N VAL B 94 4.09 -18.12 10.98
CA VAL B 94 3.28 -17.77 9.81
C VAL B 94 3.15 -16.24 9.69
N VAL B 95 3.14 -15.54 10.82
CA VAL B 95 3.05 -14.08 10.78
C VAL B 95 4.34 -13.49 10.24
N LYS B 96 5.49 -13.99 10.73
CA LYS B 96 6.77 -13.47 10.25
C LYS B 96 6.97 -13.82 8.78
N ARG B 97 6.64 -15.05 8.40
CA ARG B 97 6.84 -15.47 7.02
C ARG B 97 5.96 -14.68 6.05
N SER B 98 4.76 -14.28 6.50
CA SER B 98 3.78 -13.63 5.64
C SER B 98 3.93 -12.12 5.60
N TYR B 99 4.79 -11.55 6.43
CA TYR B 99 4.85 -10.11 6.56
C TYR B 99 5.34 -9.52 5.25
N GLY B 100 4.58 -8.60 4.70
CA GLY B 100 4.93 -7.99 3.43
C GLY B 100 4.41 -8.71 2.21
N LYS B 101 3.70 -9.82 2.38
CA LYS B 101 3.25 -10.62 1.25
C LYS B 101 1.87 -10.19 0.80
N ALA B 102 1.61 -10.35 -0.50
CA ALA B 102 0.32 -10.06 -1.07
C ALA B 102 -0.63 -11.24 -0.94
N PHE B 103 -1.90 -10.92 -0.73
CA PHE B 103 -2.98 -11.88 -0.63
C PHE B 103 -4.19 -11.34 -1.39
N LYS B 104 -5.11 -12.23 -1.74
CA LYS B 104 -6.41 -11.85 -2.28
C LYS B 104 -7.47 -12.17 -1.24
N LEU B 105 -8.23 -11.16 -0.85
CA LEU B 105 -9.34 -11.32 0.07
C LEU B 105 -10.65 -11.28 -0.70
N SER B 106 -11.59 -12.12 -0.29
CA SER B 106 -12.92 -12.17 -0.88
C SER B 106 -13.89 -11.44 0.01
N ILE B 107 -14.68 -10.56 -0.61
CA ILE B 107 -15.78 -9.87 0.05
C ILE B 107 -17.09 -10.48 -0.44
N SER B 108 -17.91 -11.01 0.48
CA SER B 108 -19.13 -11.72 0.09
C SER B 108 -20.40 -10.97 0.47
N ALA B 109 -20.30 -9.93 1.28
CA ALA B 109 -21.49 -9.20 1.70
C ALA B 109 -21.10 -7.80 2.13
N LEU B 110 -22.07 -6.89 2.04
CA LEU B 110 -21.97 -5.56 2.61
C LEU B 110 -23.05 -5.41 3.66
N PHE B 111 -22.79 -4.59 4.67
CA PHE B 111 -23.77 -4.46 5.75
C PHE B 111 -23.80 -3.05 6.31
N VAL B 112 -24.97 -2.70 6.85
CA VAL B 112 -25.23 -1.41 7.45
C VAL B 112 -26.00 -1.64 8.73
N THR B 113 -25.61 -0.94 9.77
CA THR B 113 -26.39 -0.88 11.01
C THR B 113 -26.43 0.59 11.41
N PRO B 114 -27.11 0.93 12.50
CA PRO B 114 -27.14 2.34 12.91
C PRO B 114 -25.79 2.86 13.37
N LYS B 115 -24.80 1.98 13.55
CA LYS B 115 -23.47 2.36 14.02
C LYS B 115 -22.41 2.33 12.94
N THR B 116 -22.42 1.34 12.05
CA THR B 116 -21.32 1.12 11.13
C THR B 116 -21.82 0.62 9.78
N ALA B 117 -20.96 0.79 8.79
CA ALA B 117 -21.15 0.25 7.46
C ALA B 117 -19.86 -0.47 7.13
N GLY B 118 -19.96 -1.68 6.63
CA GLY B 118 -18.74 -2.42 6.37
C GLY B 118 -18.94 -3.47 5.30
N ALA B 119 -17.85 -4.20 5.08
CA ALA B 119 -17.81 -5.30 4.14
C ALA B 119 -17.34 -6.54 4.88
N GLN B 120 -18.02 -7.64 4.65
CA GLN B 120 -17.67 -8.92 5.26
C GLN B 120 -16.59 -9.59 4.41
N VAL B 121 -15.50 -10.01 5.08
CA VAL B 121 -14.38 -10.69 4.44
C VAL B 121 -14.49 -12.18 4.78
N VAL B 122 -14.29 -13.04 3.78
CA VAL B 122 -14.23 -14.49 3.94
C VAL B 122 -12.82 -14.90 3.57
N LEU B 123 -12.19 -15.66 4.43
CA LEU B 123 -10.75 -15.93 4.33
C LEU B 123 -10.49 -17.33 3.78
N THR B 124 -9.41 -17.46 3.01
CA THR B 124 -8.92 -18.76 2.60
C THR B 124 -8.30 -19.47 3.80
N ASP B 125 -8.04 -20.79 3.64
CA ASP B 125 -7.37 -21.51 4.71
C ASP B 125 -6.03 -20.87 5.06
N GLN B 126 -5.24 -20.51 4.05
CA GLN B 126 -3.96 -19.88 4.29
C GLN B 126 -4.12 -18.58 5.08
N GLU B 127 -5.15 -17.80 4.73
CA GLU B 127 -5.38 -16.54 5.43
C GLU B 127 -5.89 -16.76 6.85
N LEU B 128 -6.66 -17.84 7.08
CA LEU B 128 -7.10 -18.12 8.45
C LEU B 128 -5.93 -18.40 9.38
N GLN B 129 -4.80 -18.89 8.85
CA GLN B 129 -3.63 -19.12 9.70
C GLN B 129 -3.12 -17.83 10.31
N LEU B 130 -3.44 -16.68 9.70
CA LEU B 130 -3.07 -15.35 10.17
C LEU B 130 -4.13 -14.70 11.05
N TRP B 131 -5.26 -15.37 11.24
CA TRP B 131 -6.30 -14.90 12.14
C TRP B 131 -5.94 -15.29 13.57
N PRO B 132 -6.07 -14.39 14.55
CA PRO B 132 -5.64 -14.71 15.91
C PRO B 132 -6.55 -15.75 16.54
N SER B 133 -6.02 -16.40 17.58
CA SER B 133 -6.86 -17.25 18.42
C SER B 133 -7.57 -16.36 19.42
N ALA B 138 -13.85 -13.92 22.35
CA ALA B 138 -14.89 -13.05 22.89
C ALA B 138 -16.23 -13.77 22.88
N SER B 139 -17.20 -13.24 23.64
CA SER B 139 -18.49 -13.92 23.80
C SER B 139 -19.43 -13.67 22.63
N ALA B 140 -19.25 -12.56 21.91
CA ALA B 140 -20.14 -12.21 20.81
C ALA B 140 -20.06 -13.21 19.66
N SER B 141 -18.97 -13.96 19.56
CA SER B 141 -18.74 -14.84 18.43
C SER B 141 -18.98 -16.32 18.76
N GLU B 142 -19.48 -16.62 19.95
CA GLU B 142 -19.66 -18.02 20.31
C GLU B 142 -20.54 -18.72 19.28
N GLY B 143 -20.15 -19.93 18.90
CA GLY B 143 -20.94 -20.74 18.00
C GLY B 143 -20.82 -20.34 16.55
N LEU B 144 -19.89 -19.47 16.21
CA LEU B 144 -19.58 -19.11 14.84
C LEU B 144 -18.23 -19.66 14.42
N PRO B 145 -18.00 -19.82 13.11
CA PRO B 145 -16.72 -20.35 12.61
C PRO B 145 -15.55 -19.41 12.91
N PRO B 146 -14.33 -19.92 12.94
CA PRO B 146 -13.17 -19.04 13.12
C PRO B 146 -13.11 -18.02 12.00
N GLY B 147 -12.72 -16.79 12.35
CA GLY B 147 -12.58 -15.73 11.37
C GLY B 147 -13.88 -15.04 11.00
N SER B 148 -14.96 -15.32 11.73
CA SER B 148 -16.26 -14.74 11.37
C SER B 148 -16.24 -13.23 11.44
N ARG B 149 -15.40 -12.67 12.31
CA ARG B 149 -15.35 -11.22 12.53
C ARG B 149 -14.67 -10.46 11.40
N ALA B 150 -14.02 -11.16 10.48
CA ALA B 150 -13.20 -10.51 9.49
C ALA B 150 -14.02 -9.53 8.63
N HIS B 151 -13.55 -8.30 8.52
CA HIS B 151 -14.32 -7.26 7.85
C HIS B 151 -13.40 -6.15 7.38
N VAL B 152 -13.96 -5.27 6.53
CA VAL B 152 -13.40 -3.97 6.17
C VAL B 152 -14.41 -2.91 6.59
N THR B 153 -13.98 -1.98 7.43
CA THR B 153 -14.84 -0.88 7.83
C THR B 153 -14.94 0.10 6.67
N LEU B 154 -16.17 0.52 6.36
CA LEU B 154 -16.38 1.51 5.29
C LEU B 154 -16.85 2.85 5.83
N GLY B 155 -17.51 2.88 6.99
CA GLY B 155 -18.01 4.13 7.57
C GLY B 155 -18.54 3.91 8.96
N CYS B 156 -18.48 4.94 9.81
CA CYS B 156 -18.98 4.89 11.17
C CYS B 156 -19.80 6.17 11.40
N ALA B 157 -20.84 6.02 12.21
CA ALA B 157 -21.56 7.18 12.73
C ALA B 157 -20.65 8.00 13.64
N ALA B 158 -21.04 9.27 13.86
CA ALA B 158 -20.14 10.23 14.45
C ALA B 158 -19.55 9.78 15.78
N ASP B 159 -20.37 9.13 16.62
CA ASP B 159 -19.95 8.78 17.98
C ASP B 159 -19.49 7.33 18.11
N VAL B 160 -19.12 6.69 17.00
CA VAL B 160 -18.80 5.28 16.96
C VAL B 160 -17.33 5.06 16.65
N GLN B 161 -16.72 4.02 17.30
CA GLN B 161 -15.34 3.65 16.99
C GLN B 161 -15.30 2.51 15.98
N PRO B 162 -14.33 2.49 15.07
CA PRO B 162 -14.35 1.47 14.01
C PRO B 162 -14.32 0.03 14.52
N VAL B 163 -13.88 -0.24 15.75
CA VAL B 163 -13.91 -1.61 16.25
C VAL B 163 -15.34 -2.14 16.35
N GLN B 164 -16.31 -1.24 16.45
CA GLN B 164 -17.70 -1.68 16.46
C GLN B 164 -18.09 -2.42 15.20
N THR B 165 -17.40 -2.19 14.08
CA THR B 165 -17.84 -2.83 12.83
C THR B 165 -17.80 -4.35 12.95
N GLY B 166 -16.77 -4.88 13.55
CA GLY B 166 -16.68 -6.34 13.72
C GLY B 166 -17.74 -6.92 14.64
N LEU B 167 -18.02 -6.22 15.74
CA LEU B 167 -19.12 -6.61 16.63
C LEU B 167 -20.47 -6.54 15.91
N ASP B 168 -20.67 -5.52 15.07
CA ASP B 168 -21.90 -5.47 14.29
C ASP B 168 -22.00 -6.65 13.34
N LEU B 169 -20.90 -7.02 12.69
CA LEU B 169 -20.94 -8.15 11.78
C LEU B 169 -21.26 -9.44 12.54
N LEU B 170 -20.60 -9.67 13.65
CA LEU B 170 -20.88 -10.87 14.44
C LEU B 170 -22.37 -10.95 14.83
N ASP B 171 -22.96 -9.83 15.21
CA ASP B 171 -24.37 -9.82 15.57
C ASP B 171 -25.25 -10.17 14.38
N ILE B 172 -24.96 -9.60 13.20
CA ILE B 172 -25.67 -9.99 11.98
C ILE B 172 -25.52 -11.51 11.76
N LEU B 173 -24.31 -12.04 11.90
CA LEU B 173 -24.08 -13.43 11.56
C LEU B 173 -24.81 -14.36 12.52
N GLN B 174 -24.94 -13.96 13.78
CA GLN B 174 -25.76 -14.72 14.71
C GLN B 174 -27.20 -14.86 14.20
N GLN B 175 -27.79 -13.79 13.65
CA GLN B 175 -29.13 -13.92 13.11
C GLN B 175 -29.16 -14.75 11.83
N VAL B 176 -28.19 -14.53 10.94
CA VAL B 176 -28.10 -15.31 9.71
C VAL B 176 -27.97 -16.80 10.03
N LYS B 177 -27.13 -17.13 11.02
CA LYS B 177 -26.90 -18.54 11.36
C LYS B 177 -28.20 -19.29 11.64
N GLY B 178 -29.12 -18.66 12.33
CA GLY B 178 -30.38 -19.25 12.73
C GLY B 178 -31.52 -19.02 11.76
N GLY B 179 -31.23 -18.45 10.60
CA GLY B 179 -32.24 -18.30 9.58
C GLY B 179 -33.18 -17.16 9.80
N SER B 180 -32.83 -16.20 10.65
CA SER B 180 -33.70 -15.07 10.97
C SER B 180 -33.50 -13.89 10.04
N GLN B 181 -32.77 -14.09 8.95
CA GLN B 181 -32.54 -13.00 7.99
C GLN B 181 -33.79 -12.68 7.21
N GLY B 182 -34.77 -13.57 7.20
CA GLY B 182 -35.99 -13.35 6.47
C GLY B 182 -35.84 -13.61 4.98
N GLU B 183 -36.95 -13.51 4.28
CA GLU B 183 -36.88 -13.51 2.83
C GLU B 183 -36.27 -12.21 2.35
N ALA B 184 -35.60 -12.27 1.20
CA ALA B 184 -34.96 -11.06 0.69
C ALA B 184 -36.03 -10.02 0.41
N VAL B 185 -35.72 -8.76 0.76
CA VAL B 185 -36.66 -7.65 0.57
C VAL B 185 -36.31 -6.83 -0.65
N GLY B 186 -35.25 -7.17 -1.34
CA GLY B 186 -34.88 -6.44 -2.53
C GLY B 186 -33.81 -7.16 -3.30
N GLU B 187 -33.73 -6.83 -4.57
CA GLU B 187 -32.61 -7.19 -5.43
C GLU B 187 -31.97 -5.88 -5.83
N LEU B 188 -30.72 -5.70 -5.46
CA LEU B 188 -29.90 -4.61 -5.94
C LEU B 188 -29.01 -5.08 -7.06
N PRO B 189 -28.39 -4.17 -7.80
CA PRO B 189 -27.58 -4.61 -8.96
C PRO B 189 -26.57 -5.70 -8.61
N ARG B 190 -26.01 -5.68 -7.40
CA ARG B 190 -24.93 -6.58 -7.05
C ARG B 190 -25.31 -7.73 -6.13
N GLY B 191 -26.56 -7.81 -5.65
CA GLY B 191 -26.96 -8.98 -4.86
C GLY B 191 -28.30 -8.81 -4.20
N LYS B 192 -28.54 -9.65 -3.18
CA LYS B 192 -29.81 -9.79 -2.50
C LYS B 192 -29.78 -9.04 -1.17
N LEU B 193 -30.81 -8.25 -0.92
CA LEU B 193 -30.88 -7.40 0.26
C LEU B 193 -31.78 -8.01 1.34
N TYR B 194 -31.29 -8.03 2.59
CA TYR B 194 -32.03 -8.58 3.72
C TYR B 194 -32.19 -7.53 4.83
N SER B 195 -33.37 -7.49 5.40
CA SER B 195 -33.67 -6.62 6.53
C SER B 195 -33.70 -7.53 7.76
N LEU B 196 -32.75 -7.33 8.68
CA LEU B 196 -32.60 -8.19 9.84
C LEU B 196 -33.28 -7.62 11.08
N GLY B 197 -33.86 -6.44 10.98
CA GLY B 197 -34.46 -5.76 12.10
C GLY B 197 -33.47 -4.93 12.88
N LYS B 198 -34.02 -4.04 13.73
CA LYS B 198 -33.20 -3.21 14.60
C LYS B 198 -32.15 -2.41 13.82
N GLY B 199 -32.54 -1.94 12.63
CA GLY B 199 -31.67 -1.10 11.83
C GLY B 199 -30.58 -1.82 11.05
N ARG B 200 -30.59 -3.15 11.02
CA ARG B 200 -29.52 -3.93 10.40
C ARG B 200 -29.91 -4.39 9.01
N TRP B 201 -29.00 -4.21 8.04
CA TRP B 201 -29.24 -4.56 6.65
C TRP B 201 -28.02 -5.27 6.08
N MET B 202 -28.26 -6.30 5.27
CA MET B 202 -27.21 -7.10 4.67
C MET B 202 -27.49 -7.33 3.19
N LEU B 203 -26.51 -7.02 2.36
CA LEU B 203 -26.52 -7.28 0.93
C LEU B 203 -25.59 -8.45 0.71
N SER B 204 -26.15 -9.59 0.35
CA SER B 204 -25.34 -10.76 0.03
C SER B 204 -25.03 -10.72 -1.46
N LEU B 205 -23.76 -10.61 -1.78
CA LEU B 205 -23.35 -10.36 -3.17
C LEU B 205 -23.53 -11.61 -4.02
N THR B 206 -24.07 -11.40 -5.21
CA THR B 206 -24.18 -12.49 -6.18
C THR B 206 -22.81 -13.07 -6.50
N LYS B 207 -21.82 -12.22 -6.73
CA LYS B 207 -20.45 -12.61 -7.01
C LYS B 207 -19.54 -11.99 -5.96
N LYS B 208 -18.71 -12.81 -5.32
CA LYS B 208 -17.79 -12.25 -4.36
C LYS B 208 -16.84 -11.26 -5.05
N MET B 209 -16.56 -10.16 -4.37
CA MET B 209 -15.55 -9.23 -4.87
C MET B 209 -14.19 -9.69 -4.38
N GLU B 210 -13.20 -9.63 -5.27
CA GLU B 210 -11.84 -10.01 -4.91
C GLU B 210 -11.01 -8.75 -4.82
N VAL B 211 -10.29 -8.58 -3.71
CA VAL B 211 -9.43 -7.40 -3.51
C VAL B 211 -8.03 -7.88 -3.17
N LYS B 212 -7.04 -7.20 -3.73
CA LYS B 212 -5.64 -7.49 -3.45
C LYS B 212 -5.18 -6.66 -2.26
N ALA B 213 -4.41 -7.27 -1.37
CA ALA B 213 -3.96 -6.58 -0.16
C ALA B 213 -2.62 -7.13 0.27
N ILE B 214 -1.89 -6.33 1.06
CA ILE B 214 -0.59 -6.71 1.63
C ILE B 214 -0.75 -6.90 3.13
N PHE B 215 -0.31 -8.04 3.63
CA PHE B 215 -0.32 -8.28 5.06
C PHE B 215 0.89 -7.57 5.65
N THR B 216 0.67 -6.66 6.60
CA THR B 216 1.78 -5.90 7.17
C THR B 216 1.32 -5.32 8.51
N GLY B 217 2.15 -4.48 9.10
CA GLY B 217 1.85 -3.84 10.38
C GLY B 217 1.69 -2.34 10.18
N TYR B 218 0.69 -1.78 10.86
CA TYR B 218 0.43 -0.35 10.89
C TYR B 218 0.92 0.22 12.21
N TYR B 219 1.67 1.32 12.16
CA TYR B 219 2.26 1.90 13.35
C TYR B 219 1.70 3.24 13.77
N GLY B 220 0.88 3.88 12.96
CA GLY B 220 0.33 5.17 13.35
C GLY B 220 1.26 6.31 13.00
N LYS C 4 -7.29 -0.92 -31.49
CA LYS C 4 -6.05 -0.25 -31.07
C LYS C 4 -5.31 -1.07 -30.00
N ASP C 5 -3.98 -0.90 -29.95
CA ASP C 5 -3.13 -1.57 -28.97
C ASP C 5 -3.02 -0.71 -27.72
N PHE C 6 -3.08 -1.34 -26.57
CA PHE C 6 -2.87 -0.51 -25.39
C PHE C 6 -1.39 -0.43 -25.02
N LEU C 7 -1.10 0.57 -24.21
CA LEU C 7 0.23 0.88 -23.72
C LEU C 7 0.49 0.13 -22.43
N PRO C 8 1.71 0.19 -21.90
CA PRO C 8 2.00 -0.44 -20.60
C PRO C 8 1.26 0.27 -19.48
N LEU C 9 1.28 -0.35 -18.30
CA LEU C 9 0.85 0.38 -17.12
C LEU C 9 1.82 1.51 -16.82
N TYR C 10 3.12 1.23 -16.93
CA TYR C 10 4.14 2.26 -16.85
C TYR C 10 5.39 1.80 -17.58
N PHE C 11 6.18 2.79 -18.00
CA PHE C 11 7.52 2.59 -18.51
C PHE C 11 8.52 2.86 -17.41
N GLY C 12 9.67 2.21 -17.51
CA GLY C 12 10.74 2.52 -16.58
C GLY C 12 11.91 1.57 -16.74
N TRP C 13 12.90 1.77 -15.88
CA TRP C 13 14.11 0.97 -15.85
C TRP C 13 13.95 -0.09 -14.78
N PHE C 14 14.05 -1.35 -15.18
CA PHE C 14 13.91 -2.47 -14.26
C PHE C 14 15.31 -3.05 -14.01
N LEU C 15 15.73 -3.02 -12.74
CA LEU C 15 17.08 -3.39 -12.39
C LEU C 15 17.25 -4.88 -12.64
N THR C 16 18.48 -5.27 -12.96
CA THR C 16 18.80 -6.70 -13.03
C THR C 16 18.67 -7.31 -11.65
N LYS C 17 18.59 -8.65 -11.60
CA LYS C 17 18.49 -9.28 -10.28
C LYS C 17 19.69 -8.91 -9.41
N LYS C 18 20.89 -8.94 -9.98
CA LYS C 18 22.09 -8.68 -9.21
C LYS C 18 22.09 -7.25 -8.68
N SER C 19 21.79 -6.29 -9.56
CA SER C 19 21.76 -4.91 -9.09
C SER C 19 20.62 -4.69 -8.12
N SER C 20 19.49 -5.31 -8.40
CA SER C 20 18.35 -5.16 -7.50
C SER C 20 18.71 -5.72 -6.13
N GLU C 21 19.44 -6.83 -6.12
CA GLU C 21 19.77 -7.39 -4.82
C GLU C 21 20.73 -6.48 -4.06
N THR C 22 21.73 -5.95 -4.77
CA THR C 22 22.71 -5.08 -4.13
C THR C 22 22.02 -3.86 -3.52
N LEU C 23 21.17 -3.18 -4.31
CA LEU C 23 20.52 -1.97 -3.81
C LEU C 23 19.53 -2.29 -2.69
N ARG C 24 18.77 -3.37 -2.83
CA ARG C 24 17.84 -3.74 -1.77
C ARG C 24 18.58 -3.98 -0.44
N LYS C 25 19.71 -4.68 -0.49
CA LYS C 25 20.49 -4.94 0.74
C LYS C 25 21.04 -3.66 1.32
N ALA C 26 21.49 -2.73 0.46
CA ALA C 26 22.01 -1.47 0.95
C ALA C 26 20.91 -0.68 1.64
N GLY C 27 19.69 -0.77 1.11
CA GLY C 27 18.56 -0.10 1.73
C GLY C 27 18.22 -0.69 3.09
N GLN C 28 18.25 -2.02 3.20
CA GLN C 28 17.96 -2.66 4.48
C GLN C 28 19.02 -2.32 5.53
N VAL C 29 20.29 -2.34 5.13
CA VAL C 29 21.36 -1.98 6.06
C VAL C 29 21.18 -0.55 6.55
N PHE C 30 20.88 0.38 5.63
CA PHE C 30 20.60 1.74 6.04
C PHE C 30 19.48 1.80 7.06
N LEU C 31 18.37 1.10 6.80
CA LEU C 31 17.25 1.14 7.72
C LEU C 31 17.67 0.64 9.10
N GLU C 32 18.47 -0.42 9.13
CA GLU C 32 18.91 -0.96 10.42
C GLU C 32 19.84 0.01 11.13
N GLU C 33 20.76 0.62 10.38
CA GLU C 33 21.68 1.58 10.95
C GLU C 33 20.94 2.81 11.44
N LEU C 34 20.03 3.33 10.62
CA LEU C 34 19.34 4.56 10.98
C LEU C 34 18.54 4.38 12.26
N GLY C 35 17.77 3.30 12.35
CA GLY C 35 16.93 3.08 13.50
C GLY C 35 17.68 2.90 14.79
N ASN C 36 18.96 2.54 14.72
CA ASN C 36 19.81 2.38 15.90
C ASN C 36 20.59 3.63 16.22
N HIS C 37 20.45 4.68 15.43
CA HIS C 37 21.23 5.90 15.61
C HIS C 37 20.58 6.81 16.64
N LYS C 38 21.38 7.30 17.59
CA LYS C 38 20.85 8.17 18.65
C LYS C 38 20.03 9.31 18.07
N ALA C 39 20.52 9.92 16.99
CA ALA C 39 19.85 11.09 16.45
C ALA C 39 18.44 10.73 15.99
N PHE C 40 18.26 9.54 15.42
CA PHE C 40 16.95 9.11 14.98
C PHE C 40 16.04 8.76 16.17
N LYS C 41 16.54 7.98 17.11
CA LYS C 41 15.70 7.57 18.22
C LYS C 41 15.20 8.77 19.01
N LYS C 42 16.04 9.79 19.17
CA LYS C 42 15.66 11.00 19.89
C LYS C 42 14.47 11.70 19.24
N GLU C 43 14.31 11.57 17.92
CA GLU C 43 13.27 12.25 17.15
C GLU C 43 12.10 11.34 16.77
N LEU C 44 12.00 10.16 17.40
CA LEU C 44 10.91 9.24 17.08
C LEU C 44 9.54 9.89 17.24
N ARG C 45 9.45 10.95 18.03
CA ARG C 45 8.17 11.63 18.24
C ARG C 45 7.71 12.32 16.95
N HIS C 46 8.66 12.92 16.20
CA HIS C 46 8.38 13.55 14.91
C HIS C 46 8.18 12.54 13.79
N PHE C 47 8.32 11.26 14.09
CA PHE C 47 8.30 10.18 13.12
C PHE C 47 7.01 9.39 13.22
N ILE C 48 6.69 8.88 14.41
CA ILE C 48 5.38 8.33 14.70
C ILE C 48 4.64 9.21 15.73
N GLU C 55 11.03 2.05 24.27
CA GLU C 55 11.25 1.00 23.28
C GLU C 55 11.62 1.59 21.91
N LYS C 56 12.23 0.78 21.05
CA LYS C 56 12.73 1.28 19.77
C LYS C 56 11.92 0.74 18.59
N LEU C 57 11.91 1.52 17.51
CA LEU C 57 11.19 1.17 16.30
C LEU C 57 12.17 0.45 15.37
N GLU C 58 11.72 -0.70 14.84
CA GLU C 58 12.48 -1.43 13.82
C GLU C 58 12.00 -0.97 12.44
N LEU C 59 12.82 -0.18 11.74
CA LEU C 59 12.37 0.42 10.49
C LEU C 59 12.17 -0.61 9.40
N VAL C 60 12.89 -1.73 9.42
CA VAL C 60 12.57 -2.78 8.45
C VAL C 60 11.11 -3.20 8.56
N SER C 61 10.61 -3.36 9.80
N SER C 61 10.60 -3.33 9.79
CA SER C 61 9.22 -3.70 10.03
CA SER C 61 9.20 -3.72 9.95
C SER C 61 8.29 -2.55 9.65
C SER C 61 8.25 -2.56 9.71
N TYR C 62 8.64 -1.34 10.04
CA TYR C 62 7.81 -0.18 9.75
C TYR C 62 7.58 -0.05 8.25
N PHE C 63 8.62 -0.26 7.45
CA PHE C 63 8.48 -0.22 6.00
C PHE C 63 8.13 -1.62 5.52
N GLY C 64 6.94 -2.06 5.91
CA GLY C 64 6.54 -3.44 5.71
C GLY C 64 5.97 -3.78 4.35
N LYS C 65 5.73 -2.80 3.48
CA LYS C 65 5.36 -3.07 2.10
C LYS C 65 6.58 -2.80 1.24
N ARG C 66 7.10 -3.83 0.59
CA ARG C 66 8.33 -3.72 -0.17
C ARG C 66 8.10 -4.18 -1.60
N PRO C 67 8.87 -3.68 -2.54
CA PRO C 67 8.70 -4.10 -3.92
C PRO C 67 8.92 -5.59 -4.05
N PRO C 68 8.00 -6.31 -4.70
CA PRO C 68 8.26 -7.70 -5.02
C PRO C 68 9.06 -7.80 -6.32
N GLY C 69 9.69 -8.95 -6.49
CA GLY C 69 10.53 -9.14 -7.67
C GLY C 69 11.75 -8.22 -7.62
N VAL C 70 11.98 -7.52 -8.72
CA VAL C 70 13.13 -6.63 -8.84
C VAL C 70 12.70 -5.18 -8.66
N LEU C 71 13.66 -4.35 -8.31
CA LEU C 71 13.40 -2.92 -8.12
C LEU C 71 13.33 -2.22 -9.47
N HIS C 72 12.72 -1.04 -9.46
CA HIS C 72 12.62 -0.31 -10.73
C HIS C 72 12.60 1.18 -10.45
N CYS C 73 12.88 1.93 -11.52
CA CYS C 73 12.77 3.40 -11.50
C CYS C 73 11.80 3.78 -12.62
N THR C 74 10.62 4.27 -12.26
CA THR C 74 9.57 4.58 -13.22
C THR C 74 9.90 5.88 -13.95
N THR C 75 9.59 5.92 -15.25
CA THR C 75 9.67 7.18 -16.02
C THR C 75 8.28 7.78 -16.14
N LYS C 76 7.40 7.13 -16.90
CA LYS C 76 6.06 7.65 -17.18
C LYS C 76 5.02 6.60 -16.80
N PHE C 77 4.14 6.98 -15.89
CA PHE C 77 2.96 6.19 -15.58
C PHE C 77 1.93 6.43 -16.67
N CYS C 78 1.48 5.34 -17.31
CA CYS C 78 0.64 5.40 -18.50
C CYS C 78 -0.77 4.90 -18.32
N ASP C 79 -1.01 4.00 -17.36
CA ASP C 79 -2.32 3.41 -17.13
C ASP C 79 -2.94 2.91 -18.44
N TYR C 80 -2.12 2.21 -19.22
CA TYR C 80 -2.52 1.55 -20.46
C TYR C 80 -2.94 2.52 -21.53
N GLY C 81 -2.65 3.82 -21.34
CA GLY C 81 -3.04 4.87 -22.26
C GLY C 81 -4.04 5.86 -21.66
N LYS C 82 -4.55 5.59 -20.47
CA LYS C 82 -5.56 6.46 -19.88
C LYS C 82 -4.96 7.69 -19.24
N ALA C 83 -3.68 7.66 -18.87
CA ALA C 83 -3.08 8.79 -18.17
C ALA C 83 -2.77 9.89 -19.15
N ALA C 84 -2.85 11.13 -18.66
CA ALA C 84 -2.55 12.26 -19.52
C ALA C 84 -1.09 12.19 -19.98
N GLY C 85 -0.87 12.41 -21.28
CA GLY C 85 0.45 12.48 -21.82
C GLY C 85 1.05 11.13 -22.18
N ALA C 86 0.31 10.06 -21.94
CA ALA C 86 0.88 8.71 -22.10
C ALA C 86 1.15 8.39 -23.56
N GLU C 87 0.15 8.64 -24.42
CA GLU C 87 0.36 8.35 -25.84
C GLU C 87 1.45 9.25 -26.42
N GLU C 88 1.49 10.52 -26.02
CA GLU C 88 2.59 11.40 -26.47
C GLU C 88 3.95 10.87 -26.02
N TYR C 89 4.03 10.37 -24.78
CA TYR C 89 5.30 9.83 -24.32
C TYR C 89 5.71 8.61 -25.12
N ALA C 90 4.76 7.67 -25.34
CA ALA C 90 5.10 6.37 -25.92
C ALA C 90 5.48 6.48 -27.39
N GLN C 91 4.95 7.50 -28.08
CA GLN C 91 5.19 7.67 -29.50
C GLN C 91 6.54 8.28 -29.77
N GLN C 92 7.23 8.78 -28.74
CA GLN C 92 8.51 9.42 -28.99
C GLN C 92 9.49 8.39 -29.58
N GLU C 93 10.28 8.86 -30.55
CA GLU C 93 11.34 8.03 -31.13
C GLU C 93 12.31 7.51 -30.07
N VAL C 94 12.71 8.36 -29.10
CA VAL C 94 13.70 7.93 -28.14
C VAL C 94 13.16 6.80 -27.27
N VAL C 95 11.87 6.84 -26.99
CA VAL C 95 11.27 5.78 -26.18
C VAL C 95 11.23 4.48 -26.98
N LYS C 96 10.82 4.55 -28.25
CA LYS C 96 10.76 3.36 -29.08
C LYS C 96 12.15 2.78 -29.31
N ARG C 97 13.12 3.65 -29.58
CA ARG C 97 14.48 3.20 -29.88
C ARG C 97 15.14 2.57 -28.65
N SER C 98 14.81 3.06 -27.44
CA SER C 98 15.42 2.62 -26.20
C SER C 98 14.73 1.43 -25.60
N TYR C 99 13.59 1.03 -26.13
CA TYR C 99 12.79 0.00 -25.47
C TYR C 99 13.56 -1.30 -25.53
N GLY C 100 13.74 -1.93 -24.36
CA GLY C 100 14.53 -3.15 -24.26
C GLY C 100 16.03 -2.98 -24.06
N LYS C 101 16.56 -1.75 -24.04
CA LYS C 101 17.98 -1.50 -23.93
C LYS C 101 18.41 -1.37 -22.47
N ALA C 102 19.66 -1.74 -22.24
CA ALA C 102 20.30 -1.67 -20.94
C ALA C 102 20.89 -0.28 -20.69
N PHE C 103 20.77 0.17 -19.45
CA PHE C 103 21.31 1.44 -19.00
C PHE C 103 21.95 1.23 -17.63
N LYS C 104 22.81 2.17 -17.25
CA LYS C 104 23.36 2.20 -15.90
C LYS C 104 22.77 3.42 -15.21
N LEU C 105 22.13 3.19 -14.09
CA LEU C 105 21.59 4.27 -13.29
C LEU C 105 22.49 4.50 -12.08
N SER C 106 22.67 5.77 -11.75
CA SER C 106 23.49 6.15 -10.62
C SER C 106 22.59 6.50 -9.44
N ILE C 107 22.88 5.91 -8.28
CA ILE C 107 22.18 6.21 -7.02
C ILE C 107 23.10 7.06 -6.15
N SER C 108 22.65 8.24 -5.76
CA SER C 108 23.50 9.15 -5.01
C SER C 108 23.09 9.35 -3.57
N ALA C 109 21.88 8.91 -3.21
CA ALA C 109 21.44 9.08 -1.83
C ALA C 109 20.35 8.09 -1.50
N LEU C 110 20.22 7.80 -0.20
CA LEU C 110 19.09 7.06 0.31
C LEU C 110 18.32 7.97 1.25
N PHE C 111 17.01 7.77 1.35
CA PHE C 111 16.18 8.63 2.19
C PHE C 111 15.06 7.86 2.86
N VAL C 112 14.63 8.38 3.99
CA VAL C 112 13.55 7.83 4.80
C VAL C 112 12.66 8.98 5.25
N THR C 113 11.35 8.76 5.17
CA THR C 113 10.38 9.68 5.76
C THR C 113 9.37 8.81 6.51
N PRO C 114 8.39 9.40 7.18
CA PRO C 114 7.38 8.57 7.87
C PRO C 114 6.53 7.77 6.91
N LYS C 115 6.59 8.08 5.61
CA LYS C 115 5.77 7.37 4.66
C LYS C 115 6.55 6.39 3.79
N THR C 116 7.78 6.70 3.40
CA THR C 116 8.45 5.90 2.38
C THR C 116 9.95 5.84 2.65
N ALA C 117 10.58 4.83 2.06
CA ALA C 117 12.02 4.67 2.06
C ALA C 117 12.38 4.48 0.61
N GLY C 118 13.41 5.18 0.16
CA GLY C 118 13.78 5.11 -1.24
C GLY C 118 15.24 5.44 -1.49
N ALA C 119 15.58 5.36 -2.78
CA ALA C 119 16.89 5.70 -3.29
C ALA C 119 16.70 6.76 -4.37
N GLN C 120 17.52 7.80 -4.30
CA GLN C 120 17.50 8.87 -5.29
C GLN C 120 18.35 8.49 -6.48
N VAL C 121 17.79 8.62 -7.68
CA VAL C 121 18.48 8.31 -8.92
C VAL C 121 18.85 9.63 -9.59
N VAL C 122 20.08 9.72 -10.08
CA VAL C 122 20.52 10.87 -10.87
C VAL C 122 20.79 10.34 -12.27
N LEU C 123 20.22 11.00 -13.26
CA LEU C 123 20.19 10.48 -14.63
C LEU C 123 21.29 11.14 -15.46
N THR C 124 21.83 10.38 -16.40
CA THR C 124 22.70 10.95 -17.43
C THR C 124 21.86 11.77 -18.41
N ASP C 125 22.54 12.57 -19.24
CA ASP C 125 21.79 13.29 -20.27
C ASP C 125 21.02 12.33 -21.17
N GLN C 126 21.66 11.22 -21.57
CA GLN C 126 20.98 10.25 -22.42
C GLN C 126 19.73 9.73 -21.74
N GLU C 127 19.80 9.43 -20.45
CA GLU C 127 18.64 8.91 -19.73
C GLU C 127 17.59 9.98 -19.50
N LEU C 128 18.00 11.24 -19.35
CA LEU C 128 17.04 12.33 -19.22
C LEU C 128 16.11 12.42 -20.44
N GLN C 129 16.58 11.97 -21.60
CA GLN C 129 15.72 12.00 -22.80
C GLN C 129 14.49 11.14 -22.64
N LEU C 130 14.54 10.13 -21.74
CA LEU C 130 13.44 9.22 -21.46
C LEU C 130 12.59 9.69 -20.28
N TRP C 131 12.94 10.82 -19.67
CA TRP C 131 12.14 11.39 -18.61
C TRP C 131 11.00 12.21 -19.20
N PRO C 132 9.77 12.06 -18.71
CA PRO C 132 8.66 12.75 -19.36
C PRO C 132 8.74 14.25 -19.12
N SER C 133 8.05 14.99 -19.96
CA SER C 133 7.85 16.43 -19.69
C SER C 133 6.71 16.55 -18.68
N SER C 139 3.76 21.05 -9.33
CA SER C 139 4.00 22.15 -8.38
C SER C 139 4.99 21.72 -7.29
N ALA C 140 4.94 20.44 -6.92
CA ALA C 140 5.86 19.93 -5.92
C ALA C 140 7.31 20.04 -6.38
N SER C 141 7.53 20.09 -7.68
CA SER C 141 8.86 20.09 -8.27
C SER C 141 9.27 21.45 -8.82
N GLU C 142 8.48 22.49 -8.56
CA GLU C 142 8.81 23.80 -9.08
C GLU C 142 10.19 24.19 -8.61
N GLY C 143 10.99 24.74 -9.53
CA GLY C 143 12.30 25.26 -9.22
C GLY C 143 13.37 24.21 -9.05
N LEU C 144 13.09 22.97 -9.38
CA LEU C 144 14.07 21.90 -9.35
C LEU C 144 14.45 21.47 -10.77
N PRO C 145 15.64 20.92 -10.96
CA PRO C 145 16.07 20.49 -12.32
C PRO C 145 15.20 19.37 -12.85
N PRO C 146 15.14 19.20 -14.16
CA PRO C 146 14.36 18.10 -14.72
C PRO C 146 14.89 16.76 -14.20
N GLY C 147 13.96 15.84 -14.01
CA GLY C 147 14.33 14.52 -13.54
C GLY C 147 14.56 14.41 -12.07
N SER C 148 14.23 15.45 -11.29
CA SER C 148 14.52 15.44 -9.85
C SER C 148 13.78 14.34 -9.13
N ARG C 149 12.60 13.96 -9.62
CA ARG C 149 11.75 12.98 -8.96
C ARG C 149 12.27 11.55 -9.09
N ALA C 150 13.25 11.32 -9.96
CA ALA C 150 13.67 9.96 -10.28
C ALA C 150 14.16 9.23 -9.03
N HIS C 151 13.65 8.03 -8.83
CA HIS C 151 13.89 7.31 -7.58
C HIS C 151 13.62 5.83 -7.80
N VAL C 152 14.05 5.04 -6.81
CA VAL C 152 13.67 3.65 -6.63
C VAL C 152 13.04 3.52 -5.25
N THR C 153 11.80 3.04 -5.22
CA THR C 153 11.12 2.82 -3.96
C THR C 153 11.68 1.56 -3.33
N LEU C 154 12.01 1.67 -2.05
CA LEU C 154 12.50 0.51 -1.30
C LEU C 154 11.53 0.01 -0.26
N GLY C 155 10.61 0.86 0.22
CA GLY C 155 9.62 0.42 1.20
C GLY C 155 8.59 1.48 1.49
N CYS C 156 7.39 1.10 1.88
CA CYS C 156 6.28 2.01 2.18
C CYS C 156 5.67 1.60 3.52
N ALA C 157 5.23 2.58 4.30
CA ALA C 157 4.40 2.28 5.46
C ALA C 157 3.06 1.71 5.01
N ALA C 158 2.37 1.07 5.96
CA ALA C 158 1.24 0.21 5.62
C ALA C 158 0.17 0.91 4.80
N ASP C 159 -0.12 2.19 5.10
CA ASP C 159 -1.24 2.86 4.45
C ASP C 159 -0.81 3.79 3.33
N VAL C 160 0.39 3.59 2.77
CA VAL C 160 0.99 4.48 1.78
C VAL C 160 1.09 3.79 0.42
N GLN C 161 0.88 4.58 -0.66
CA GLN C 161 1.04 4.08 -2.04
C GLN C 161 2.44 4.39 -2.57
N PRO C 162 3.05 3.52 -3.38
CA PRO C 162 4.45 3.76 -3.77
C PRO C 162 4.68 5.05 -4.52
N VAL C 163 3.66 5.63 -5.15
CA VAL C 163 3.86 6.90 -5.84
C VAL C 163 4.29 8.01 -4.86
N GLN C 164 3.99 7.83 -3.57
CA GLN C 164 4.39 8.81 -2.58
C GLN C 164 5.90 8.97 -2.48
N THR C 165 6.68 7.94 -2.84
CA THR C 165 8.12 8.03 -2.68
C THR C 165 8.69 9.20 -3.48
N GLY C 166 8.18 9.38 -4.70
CA GLY C 166 8.68 10.48 -5.53
C GLY C 166 8.33 11.84 -4.95
N LEU C 167 7.10 11.99 -4.44
CA LEU C 167 6.71 13.24 -3.78
C LEU C 167 7.55 13.48 -2.52
N ASP C 168 7.82 12.42 -1.76
CA ASP C 168 8.72 12.54 -0.62
C ASP C 168 10.11 13.00 -1.02
N LEU C 169 10.66 12.46 -2.12
CA LEU C 169 11.98 12.90 -2.56
C LEU C 169 11.95 14.37 -2.98
N LEU C 170 10.94 14.77 -3.74
CA LEU C 170 10.85 16.17 -4.14
C LEU C 170 10.81 17.11 -2.92
N ASP C 171 10.05 16.73 -1.89
CA ASP C 171 10.00 17.56 -0.69
C ASP C 171 11.37 17.64 -0.01
N ILE C 172 12.09 16.52 0.08
CA ILE C 172 13.45 16.56 0.58
C ILE C 172 14.32 17.51 -0.24
N LEU C 173 14.23 17.41 -1.57
CA LEU C 173 15.13 18.18 -2.40
C LEU C 173 14.81 19.68 -2.31
N GLN C 174 13.55 20.03 -2.09
CA GLN C 174 13.24 21.43 -1.84
C GLN C 174 13.99 21.96 -0.61
N GLN C 175 14.09 21.14 0.44
CA GLN C 175 14.82 21.59 1.63
C GLN C 175 16.31 21.66 1.37
N VAL C 176 16.87 20.63 0.72
CA VAL C 176 18.28 20.61 0.35
C VAL C 176 18.64 21.80 -0.54
N LYS C 177 17.79 22.12 -1.53
CA LYS C 177 18.12 23.21 -2.44
C LYS C 177 18.34 24.50 -1.68
N GLY C 178 17.55 24.76 -0.65
CA GLY C 178 17.59 25.98 0.13
C GLY C 178 18.56 25.93 1.29
N GLY C 179 19.32 24.84 1.42
CA GLY C 179 20.33 24.76 2.44
C GLY C 179 19.82 24.41 3.81
N SER C 180 18.62 23.86 3.91
CA SER C 180 18.00 23.53 5.19
C SER C 180 18.28 22.10 5.65
N GLN C 181 19.21 21.40 5.00
CA GLN C 181 19.54 20.04 5.42
C GLN C 181 20.30 20.00 6.74
N GLY C 182 20.90 21.12 7.15
CA GLY C 182 21.68 21.21 8.37
C GLY C 182 23.05 20.59 8.21
N GLU C 183 23.84 20.69 9.26
CA GLU C 183 25.09 19.94 9.32
C GLU C 183 24.81 18.45 9.47
N ALA C 184 25.70 17.62 8.91
CA ALA C 184 25.49 16.18 9.00
C ALA C 184 25.49 15.79 10.47
N VAL C 185 24.57 14.89 10.82
CA VAL C 185 24.42 14.43 12.20
C VAL C 185 25.05 13.09 12.42
N GLY C 186 25.61 12.50 11.38
CA GLY C 186 26.24 11.21 11.52
C GLY C 186 27.02 10.86 10.28
N GLU C 187 27.96 9.93 10.46
CA GLU C 187 28.65 9.25 9.38
C GLU C 187 28.29 7.78 9.51
N LEU C 188 27.67 7.24 8.49
CA LEU C 188 27.44 5.82 8.33
C LEU C 188 28.49 5.25 7.40
N PRO C 189 28.64 3.95 7.36
CA PRO C 189 29.71 3.37 6.52
C PRO C 189 29.68 3.87 5.08
N ARG C 190 28.52 4.17 4.54
CA ARG C 190 28.43 4.53 3.14
C ARG C 190 28.28 6.02 2.87
N GLY C 191 28.12 6.87 3.87
CA GLY C 191 28.04 8.29 3.59
C GLY C 191 27.59 9.13 4.76
N LYS C 192 27.12 10.34 4.44
CA LYS C 192 26.82 11.39 5.42
C LYS C 192 25.31 11.47 5.65
N LEU C 193 24.91 11.48 6.93
CA LEU C 193 23.52 11.42 7.32
C LEU C 193 23.03 12.81 7.71
N TYR C 194 21.88 13.20 7.18
CA TYR C 194 21.29 14.50 7.47
C TYR C 194 19.87 14.31 7.99
N SER C 195 19.52 15.12 8.98
CA SER C 195 18.22 15.17 9.61
C SER C 195 17.54 16.43 9.11
N LEU C 196 16.47 16.27 8.34
CA LEU C 196 15.81 17.39 7.69
C LEU C 196 14.58 17.87 8.45
N GLY C 197 14.24 17.22 9.57
CA GLY C 197 13.05 17.56 10.31
C GLY C 197 11.82 16.85 9.77
N LYS C 198 10.76 16.87 10.57
CA LYS C 198 9.49 16.30 10.20
C LYS C 198 9.66 14.84 9.77
N GLY C 199 10.57 14.14 10.44
CA GLY C 199 10.74 12.71 10.20
C GLY C 199 11.54 12.36 8.96
N ARG C 200 12.18 13.32 8.30
CA ARG C 200 12.88 13.09 7.05
C ARG C 200 14.38 12.94 7.28
N TRP C 201 14.97 11.91 6.64
CA TRP C 201 16.38 11.62 6.80
C TRP C 201 16.96 11.33 5.43
N MET C 202 18.18 11.81 5.20
CA MET C 202 18.87 11.63 3.95
C MET C 202 20.32 11.21 4.18
N LEU C 203 20.71 10.12 3.53
CA LEU C 203 22.09 9.65 3.51
C LEU C 203 22.67 9.98 2.15
N SER C 204 23.63 10.91 2.13
N SER C 204 23.63 10.90 2.12
CA SER C 204 24.32 11.28 0.90
CA SER C 204 24.31 11.27 0.88
C SER C 204 25.52 10.36 0.74
C SER C 204 25.52 10.36 0.74
N LEU C 205 25.50 9.52 -0.29
CA LEU C 205 26.51 8.48 -0.42
C LEU C 205 27.87 9.09 -0.78
N THR C 206 28.92 8.63 -0.10
CA THR C 206 30.26 9.07 -0.45
C THR C 206 30.61 8.74 -1.90
N LYS C 207 30.27 7.54 -2.34
CA LYS C 207 30.48 7.07 -3.70
C LYS C 207 29.12 6.69 -4.26
N LYS C 208 28.79 7.19 -5.44
CA LYS C 208 27.54 6.82 -6.06
C LYS C 208 27.50 5.32 -6.34
N MET C 209 26.34 4.71 -6.12
CA MET C 209 26.15 3.32 -6.49
C MET C 209 25.67 3.26 -7.93
N GLU C 210 26.21 2.31 -8.69
CA GLU C 210 25.78 2.12 -10.07
C GLU C 210 25.00 0.83 -10.18
N VAL C 211 23.80 0.88 -10.78
CA VAL C 211 22.96 -0.31 -10.96
C VAL C 211 22.63 -0.45 -12.44
N LYS C 212 22.61 -1.70 -12.91
CA LYS C 212 22.27 -1.96 -14.31
C LYS C 212 20.77 -2.20 -14.40
N ALA C 213 20.13 -1.66 -15.43
CA ALA C 213 18.70 -1.81 -15.58
C ALA C 213 18.32 -1.81 -17.05
N ILE C 214 17.16 -2.38 -17.35
CA ILE C 214 16.61 -2.43 -18.70
C ILE C 214 15.41 -1.50 -18.78
N PHE C 215 15.41 -0.62 -19.78
CA PHE C 215 14.28 0.26 -19.97
C PHE C 215 13.20 -0.52 -20.71
N THR C 216 12.02 -0.61 -20.13
CA THR C 216 10.96 -1.40 -20.77
C THR C 216 9.60 -0.99 -20.20
N GLY C 217 8.58 -1.76 -20.55
CA GLY C 217 7.22 -1.52 -20.11
C GLY C 217 6.71 -2.63 -19.20
N TYR C 218 6.02 -2.23 -18.13
CA TYR C 218 5.35 -3.13 -17.20
C TYR C 218 3.84 -3.12 -17.46
N TYR C 219 3.24 -4.31 -17.55
CA TYR C 219 1.82 -4.45 -17.85
C TYR C 219 1.01 -4.98 -16.68
N GLY C 220 1.65 -5.39 -15.60
CA GLY C 220 0.98 -6.02 -14.49
C GLY C 220 1.05 -7.54 -14.58
N GLU D 1 43.58 12.71 -6.40
CA GLU D 1 42.85 13.77 -5.67
C GLU D 1 42.24 14.76 -6.66
N VAL D 2 40.95 14.99 -6.50
CA VAL D 2 40.28 16.07 -7.21
C VAL D 2 40.73 17.40 -6.61
N GLN D 3 41.18 18.32 -7.47
CA GLN D 3 41.57 19.65 -7.05
C GLN D 3 40.69 20.69 -7.74
N LEU D 4 40.15 21.62 -6.95
CA LEU D 4 39.32 22.71 -7.43
C LEU D 4 39.75 23.98 -6.72
N GLU D 5 40.19 24.98 -7.47
CA GLU D 5 40.64 26.25 -6.91
C GLU D 5 39.75 27.36 -7.44
N GLU D 6 38.88 27.91 -6.59
CA GLU D 6 38.07 29.05 -6.97
C GLU D 6 38.89 30.33 -6.92
N SER D 7 38.39 31.37 -7.61
CA SER D 7 38.92 32.71 -7.50
C SER D 7 37.89 33.68 -8.09
N GLY D 8 38.16 34.97 -7.89
CA GLY D 8 37.34 36.05 -8.44
C GLY D 8 36.36 36.68 -7.47
N GLY D 9 36.25 36.19 -6.24
CA GLY D 9 35.34 36.76 -5.27
C GLY D 9 35.84 38.11 -4.81
N GLY D 10 35.07 38.74 -3.95
CA GLY D 10 35.46 40.05 -3.48
C GLY D 10 34.28 40.79 -2.91
N LEU D 11 34.51 42.05 -2.61
CA LEU D 11 33.49 42.93 -2.06
C LEU D 11 33.00 43.83 -3.19
N VAL D 12 31.68 44.00 -3.28
CA VAL D 12 31.08 44.79 -4.36
C VAL D 12 29.83 45.50 -3.85
N GLN D 13 29.46 46.58 -4.55
CA GLN D 13 28.26 47.28 -4.12
C GLN D 13 27.01 46.69 -4.75
N PRO D 14 25.84 46.89 -4.13
CA PRO D 14 24.61 46.33 -4.70
C PRO D 14 24.43 46.80 -6.12
N GLY D 15 24.03 45.88 -6.99
CA GLY D 15 23.93 46.15 -8.40
C GLY D 15 25.19 45.88 -9.17
N GLY D 16 26.31 45.67 -8.50
CA GLY D 16 27.56 45.40 -9.15
C GLY D 16 27.67 43.97 -9.66
N SER D 17 28.88 43.64 -10.12
CA SER D 17 29.10 42.40 -10.85
C SER D 17 30.43 41.79 -10.46
N LEU D 18 30.46 40.46 -10.52
CA LEU D 18 31.66 39.66 -10.33
C LEU D 18 31.61 38.48 -11.28
N ARG D 19 32.78 37.90 -11.54
CA ARG D 19 32.91 36.68 -12.32
C ARG D 19 33.80 35.73 -11.54
N LEU D 20 33.24 34.62 -11.08
CA LEU D 20 34.00 33.62 -10.35
C LEU D 20 34.58 32.63 -11.35
N SER D 21 35.76 32.09 -11.01
CA SER D 21 36.41 31.05 -11.79
C SER D 21 36.79 29.90 -10.88
N CYS D 22 36.93 28.71 -11.47
CA CYS D 22 37.33 27.53 -10.74
C CYS D 22 38.18 26.68 -11.68
N ALA D 23 39.46 26.52 -11.34
CA ALA D 23 40.37 25.70 -12.11
C ALA D 23 40.31 24.27 -11.58
N ALA D 24 40.07 23.32 -12.49
CA ALA D 24 39.89 21.92 -12.13
C ALA D 24 41.11 21.11 -12.57
N SER D 25 41.50 20.14 -11.75
CA SER D 25 42.58 19.24 -12.10
C SER D 25 42.40 17.95 -11.32
N GLY D 26 43.06 16.88 -11.79
CA GLY D 26 42.97 15.60 -11.14
C GLY D 26 41.81 14.72 -11.54
N PHE D 27 41.04 15.11 -12.57
CA PHE D 27 39.96 14.30 -13.11
C PHE D 27 39.66 14.75 -14.54
N THR D 28 38.80 14.00 -15.20
CA THR D 28 38.44 14.27 -16.60
C THR D 28 37.35 15.32 -16.61
N PHE D 29 37.77 16.58 -16.63
CA PHE D 29 36.84 17.68 -16.40
C PHE D 29 35.71 17.68 -17.41
N SER D 30 36.03 17.34 -18.68
CA SER D 30 35.02 17.42 -19.73
C SER D 30 33.98 16.30 -19.66
N SER D 31 34.15 15.32 -18.78
CA SER D 31 33.16 14.26 -18.61
C SER D 31 32.14 14.55 -17.52
N TYR D 32 32.33 15.60 -16.74
CA TYR D 32 31.57 15.80 -15.52
C TYR D 32 30.64 16.98 -15.60
N VAL D 33 29.41 16.78 -15.11
CA VAL D 33 28.58 17.90 -14.71
C VAL D 33 29.33 18.64 -13.59
N MET D 34 29.20 19.96 -13.56
CA MET D 34 29.86 20.78 -12.56
C MET D 34 28.87 21.78 -11.97
N SER D 35 29.06 22.08 -10.69
CA SER D 35 28.12 22.90 -9.94
C SER D 35 28.81 24.05 -9.21
N TRP D 36 28.00 25.07 -8.92
CA TRP D 36 28.29 26.09 -7.94
C TRP D 36 27.27 26.00 -6.81
N VAL D 37 27.75 26.09 -5.57
CA VAL D 37 26.90 26.18 -4.40
C VAL D 37 27.42 27.33 -3.55
N ARG D 38 26.64 27.72 -2.55
CA ARG D 38 27.05 28.82 -1.69
C ARG D 38 26.53 28.62 -0.29
N GLN D 39 27.17 29.32 0.65
CA GLN D 39 26.78 29.28 2.06
C GLN D 39 26.76 30.70 2.58
N ALA D 40 25.55 31.22 2.80
CA ALA D 40 25.36 32.56 3.32
C ALA D 40 25.58 32.56 4.81
N PRO D 41 25.77 33.74 5.43
CA PRO D 41 26.12 33.79 6.85
C PRO D 41 25.08 33.09 7.70
N GLY D 42 25.55 32.13 8.50
CA GLY D 42 24.68 31.43 9.40
C GLY D 42 23.75 30.45 8.72
N LYS D 43 23.98 30.13 7.46
CA LYS D 43 23.11 29.23 6.72
C LYS D 43 23.88 27.99 6.29
N GLY D 44 23.16 27.03 5.69
CA GLY D 44 23.78 25.83 5.19
C GLY D 44 24.13 25.97 3.71
N LEU D 45 24.94 25.03 3.22
CA LEU D 45 25.27 25.03 1.79
C LEU D 45 24.01 24.86 0.97
N GLU D 46 23.79 25.75 0.01
CA GLU D 46 22.59 25.74 -0.82
C GLU D 46 22.98 25.81 -2.28
N TRP D 47 22.05 25.41 -3.13
CA TRP D 47 22.31 25.32 -4.56
C TRP D 47 22.39 26.71 -5.19
N VAL D 48 23.18 26.80 -6.26
CA VAL D 48 23.17 28.01 -7.10
C VAL D 48 22.88 27.62 -8.55
N SER D 49 23.77 26.83 -9.15
CA SER D 49 23.68 26.54 -10.58
C SER D 49 24.46 25.27 -10.89
N ASP D 50 24.09 24.60 -11.98
CA ASP D 50 24.98 23.59 -12.56
C ASP D 50 24.88 23.56 -14.09
N ILE D 51 25.84 22.84 -14.67
CA ILE D 51 26.05 22.84 -16.12
C ILE D 51 26.56 21.47 -16.54
N ASN D 52 25.99 20.94 -17.61
CA ASN D 52 26.38 19.62 -18.07
C ASN D 52 27.76 19.67 -18.73
N SER D 53 28.26 18.48 -19.07
CA SER D 53 29.65 18.33 -19.49
C SER D 53 29.96 19.23 -20.67
N GLY D 54 29.11 19.21 -21.69
CA GLY D 54 29.29 19.99 -22.90
C GLY D 54 28.82 21.42 -22.85
N GLY D 55 28.15 21.83 -21.77
CA GLY D 55 27.68 23.19 -21.61
C GLY D 55 26.36 23.48 -22.29
N SER D 56 25.69 22.47 -22.84
CA SER D 56 24.45 22.67 -23.58
C SER D 56 23.21 22.80 -22.69
N ARG D 57 23.29 22.36 -21.43
CA ARG D 57 22.15 22.41 -20.51
C ARG D 57 22.64 23.06 -19.22
N THR D 58 21.88 24.04 -18.73
CA THR D 58 22.19 24.77 -17.51
C THR D 58 20.94 24.85 -16.63
N TYR D 59 21.19 24.93 -15.33
CA TYR D 59 20.13 25.08 -14.34
C TYR D 59 20.52 26.16 -13.35
N TYR D 60 19.53 26.96 -12.93
CA TYR D 60 19.72 28.00 -11.93
C TYR D 60 18.58 27.92 -10.94
N THR D 61 18.88 28.15 -9.66
CA THR D 61 17.77 28.32 -8.71
C THR D 61 17.01 29.59 -9.04
N ASP D 62 15.73 29.61 -8.65
CA ASP D 62 14.90 30.74 -9.04
C ASP D 62 15.47 32.06 -8.52
N SER D 63 16.21 32.01 -7.42
CA SER D 63 16.68 33.23 -6.78
C SER D 63 17.85 33.89 -7.51
N VAL D 64 18.53 33.17 -8.41
CA VAL D 64 19.59 33.75 -9.25
C VAL D 64 19.25 33.77 -10.72
N LYS D 65 18.14 33.14 -11.13
CA LYS D 65 17.79 33.04 -12.56
C LYS D 65 17.71 34.43 -13.16
N GLY D 66 18.31 34.60 -14.33
CA GLY D 66 18.25 35.87 -15.05
C GLY D 66 19.29 36.88 -14.61
N ARG D 67 20.03 36.60 -13.55
CA ARG D 67 21.09 37.47 -13.05
C ARG D 67 22.46 36.83 -13.12
N PHE D 68 22.54 35.52 -12.90
CA PHE D 68 23.80 34.78 -12.97
C PHE D 68 23.85 33.96 -14.25
N THR D 69 25.06 33.72 -14.74
CA THR D 69 25.28 32.86 -15.91
C THR D 69 26.44 31.92 -15.62
N ILE D 70 26.17 30.62 -15.68
CA ILE D 70 27.20 29.60 -15.54
C ILE D 70 27.70 29.21 -16.93
N SER D 71 28.99 28.91 -17.04
CA SER D 71 29.59 28.50 -18.30
C SER D 71 30.87 27.73 -18.00
N ARG D 72 31.43 27.11 -19.02
CA ARG D 72 32.63 26.29 -18.83
C ARG D 72 33.49 26.33 -20.08
N ASP D 73 34.78 26.15 -19.89
CA ASP D 73 35.73 26.02 -20.99
C ASP D 73 36.48 24.71 -20.79
N ASN D 74 36.03 23.66 -21.46
CA ASN D 74 36.60 22.33 -21.25
C ASN D 74 38.08 22.28 -21.64
N ALA D 75 38.48 23.12 -22.60
CA ALA D 75 39.87 23.16 -23.03
C ALA D 75 40.80 23.67 -21.94
N LYS D 76 40.34 24.62 -21.15
CA LYS D 76 41.10 25.18 -20.03
C LYS D 76 40.71 24.55 -18.68
N ASN D 77 39.90 23.50 -18.68
CA ASN D 77 39.45 22.84 -17.44
C ASN D 77 38.95 23.84 -16.40
N THR D 78 38.11 24.78 -16.85
CA THR D 78 37.67 25.88 -16.00
C THR D 78 36.16 26.07 -16.05
N LEU D 79 35.60 26.37 -14.88
CA LEU D 79 34.18 26.65 -14.70
C LEU D 79 34.04 28.11 -14.31
N TYR D 80 32.96 28.75 -14.78
CA TYR D 80 32.74 30.17 -14.52
C TYR D 80 31.34 30.43 -13.98
N LEU D 81 31.22 31.51 -13.20
CA LEU D 81 29.92 32.02 -12.75
C LEU D 81 29.92 33.53 -12.88
N GLN D 82 29.19 34.05 -13.87
CA GLN D 82 29.02 35.48 -14.04
C GLN D 82 27.84 35.91 -13.17
N MET D 83 28.08 36.83 -12.26
CA MET D 83 27.09 37.28 -11.29
C MET D 83 26.82 38.75 -11.56
N ASN D 84 25.64 39.06 -12.09
CA ASN D 84 25.26 40.44 -12.35
C ASN D 84 24.16 40.86 -11.39
N SER D 85 23.97 42.17 -11.28
CA SER D 85 22.83 42.70 -10.53
C SER D 85 22.80 42.13 -9.11
N LEU D 86 23.96 42.13 -8.48
CA LEU D 86 24.14 41.46 -7.19
C LEU D 86 23.36 42.19 -6.11
N LYS D 87 22.92 41.44 -5.11
CA LYS D 87 22.13 41.92 -3.98
C LYS D 87 22.82 41.51 -2.70
N PRO D 88 22.51 42.18 -1.58
CA PRO D 88 23.03 41.72 -0.27
C PRO D 88 22.72 40.26 0.01
N GLU D 89 21.52 39.81 -0.40
CA GLU D 89 21.13 38.40 -0.27
C GLU D 89 22.11 37.45 -0.94
N ASP D 90 22.96 37.93 -1.83
CA ASP D 90 23.92 37.09 -2.52
C ASP D 90 25.23 36.94 -1.76
N THR D 91 25.37 37.61 -0.63
CA THR D 91 26.59 37.54 0.15
C THR D 91 26.72 36.13 0.71
N ALA D 92 27.87 35.49 0.46
CA ALA D 92 28.10 34.10 0.84
C ALA D 92 29.50 33.66 0.40
N VAL D 93 29.92 32.48 0.87
CA VAL D 93 31.07 31.80 0.31
C VAL D 93 30.57 30.90 -0.81
N TYR D 94 31.17 31.04 -1.99
CA TYR D 94 30.77 30.32 -3.18
C TYR D 94 31.78 29.20 -3.44
N TYR D 95 31.28 27.99 -3.69
CA TYR D 95 32.12 26.83 -3.94
C TYR D 95 31.76 26.21 -5.29
N CYS D 96 32.77 25.83 -6.07
CA CYS D 96 32.54 24.93 -7.20
C CYS D 96 32.61 23.50 -6.70
N ALA D 97 31.88 22.60 -7.36
CA ALA D 97 31.85 21.20 -6.96
C ALA D 97 31.73 20.32 -8.19
N ARG D 98 32.25 19.11 -8.07
CA ARG D 98 32.12 18.13 -9.11
C ARG D 98 30.72 17.53 -9.10
N ASP D 99 30.25 17.18 -10.29
CA ASP D 99 28.96 16.53 -10.45
C ASP D 99 27.81 17.52 -10.21
N SER D 100 26.58 17.02 -10.33
CA SER D 100 25.38 17.83 -10.33
C SER D 100 24.97 18.20 -8.92
N LEU D 101 24.09 19.21 -8.85
CA LEU D 101 23.46 19.55 -7.57
C LEU D 101 22.62 18.38 -7.06
N LEU D 102 21.84 17.75 -7.94
CA LEU D 102 21.01 16.64 -7.47
C LEU D 102 21.85 15.53 -6.85
N SER D 103 23.08 15.34 -7.31
CA SER D 103 23.91 14.23 -6.85
C SER D 103 24.41 14.43 -5.43
N THR D 104 24.26 15.64 -4.87
CA THR D 104 24.80 16.07 -3.59
C THR D 104 26.29 15.74 -3.37
N ARG D 105 27.07 15.57 -4.44
CA ARG D 105 28.51 15.43 -4.27
C ARG D 105 29.09 16.61 -3.50
N TYR D 106 28.55 17.82 -3.73
CA TYR D 106 29.08 19.00 -3.07
C TYR D 106 28.95 18.95 -1.56
N LEU D 107 28.17 18.03 -0.99
CA LEU D 107 28.12 17.95 0.47
C LEU D 107 29.36 17.31 1.07
N HIS D 108 30.22 16.73 0.22
CA HIS D 108 31.39 15.97 0.64
C HIS D 108 32.63 16.82 0.35
N THR D 109 33.50 16.97 1.36
CA THR D 109 34.56 17.97 1.27
C THR D 109 35.50 17.69 0.09
N SER D 110 35.75 16.43 -0.22
CA SER D 110 36.68 16.11 -1.30
C SER D 110 36.17 16.52 -2.68
N GLU D 111 34.89 16.86 -2.83
CA GLU D 111 34.28 17.13 -4.12
C GLU D 111 34.12 18.61 -4.41
N ARG D 112 34.51 19.48 -3.49
CA ARG D 112 34.35 20.92 -3.71
C ARG D 112 35.65 21.65 -3.43
N GLY D 113 35.73 22.88 -3.95
CA GLY D 113 36.90 23.69 -3.76
C GLY D 113 36.91 24.34 -2.40
N GLN D 114 37.96 25.12 -2.16
CA GLN D 114 38.13 25.75 -0.85
C GLN D 114 37.17 26.93 -0.64
N GLY D 115 36.62 27.49 -1.71
CA GLY D 115 35.61 28.54 -1.58
C GLY D 115 36.19 29.93 -1.77
N THR D 116 35.32 30.85 -2.20
CA THR D 116 35.68 32.25 -2.38
C THR D 116 34.54 33.12 -1.87
N GLN D 117 34.90 34.11 -1.05
CA GLN D 117 33.92 34.96 -0.41
C GLN D 117 33.44 36.03 -1.38
N VAL D 118 32.12 36.16 -1.49
CA VAL D 118 31.49 37.28 -2.19
C VAL D 118 30.69 38.05 -1.14
N THR D 119 30.91 39.36 -1.08
CA THR D 119 30.23 40.20 -0.11
C THR D 119 29.65 41.38 -0.85
N VAL D 120 28.36 41.63 -0.64
CA VAL D 120 27.66 42.74 -1.31
C VAL D 120 27.21 43.71 -0.23
N SER D 121 27.87 44.88 -0.18
CA SER D 121 27.50 45.96 0.73
C SER D 121 28.00 47.28 0.15
N SER D 122 27.80 48.35 0.89
CA SER D 122 28.29 49.69 0.51
C SER D 122 29.70 49.99 1.04
#